data_3CKE
#
_entry.id   3CKE
#
_cell.length_a   61.534
_cell.length_b   146.842
_cell.length_c   84.110
_cell.angle_alpha   90.00
_cell.angle_beta   97.87
_cell.angle_gamma   90.00
#
_symmetry.space_group_name_H-M   'P 1 21 1'
#
loop_
_entity.id
_entity.type
_entity.pdbx_description
1 polymer 'Aristolochene synthase'
2 non-polymer 'CHLORIDE ION'
3 non-polymer '(2E,6E)-12-fluoro-11-(fluoromethyl)-3,7-dimethyldodeca-2,6,10-trien-1-yl trihydrogen diphosphate'
4 non-polymer BETA-MERCAPTOETHANOL
5 non-polymer GLYCEROL
6 non-polymer 'MAGNESIUM ION'
7 non-polymer 'PYROPHOSPHATE 2-'
8 water water
#
_entity_poly.entity_id   1
_entity_poly.type   'polypeptide(L)'
_entity_poly.pdbx_seq_one_letter_code
;MKKPNGTNGASSSLEPPPSTFQPLCHPLVEEVSKEVDGYFLQHWNFPNEKARKKFVAAGFSRVTCLYFPKALDDRIHFAC
RLLTVLFLIDDLLEYMSFEEGSAYNEKLIPISRGDVLPDRSIPVEYIIYDLWESMRAHDREMADEILEPVFLFMRAQTDR
TRARPMGLGGYLEYRERDVGKELLAALMRFSMGLKLSPSELQRVREIDANCSKHLSVVNDIYSYEKELYTSKTAHSEGGI
LCTSVQILAQEADVTAEAAKRVLFVMCREWELRHQLLVARLSAEGLETPGLAAYVEGLEYQMSGNELWSQTTLRYSVVVD
;
_entity_poly.pdbx_strand_id   A,B,C,D
#
loop_
_chem_comp.id
_chem_comp.type
_chem_comp.name
_chem_comp.formula
BME non-polymer BETA-MERCAPTOETHANOL 'C2 H6 O S'
CL non-polymer 'CHLORIDE ION' 'Cl -1'
FDF non-polymer '(2E,6E)-12-fluoro-11-(fluoromethyl)-3,7-dimethyldodeca-2,6,10-trien-1-yl trihydrogen diphosphate' 'C15 H26 F2 O7 P2'
GOL non-polymer GLYCEROL 'C3 H8 O3'
MG non-polymer 'MAGNESIUM ION' 'Mg 2'
POP non-polymer 'PYROPHOSPHATE 2-' 'H2 O7 P2 -2'
#
# COMPACT_ATOMS: atom_id res chain seq x y z
N SER A 13 -19.01 -25.61 -8.50
CA SER A 13 -18.06 -24.73 -7.76
C SER A 13 -17.73 -23.46 -8.54
N LEU A 14 -16.44 -23.18 -8.70
CA LEU A 14 -16.00 -21.99 -9.42
C LEU A 14 -16.19 -22.11 -10.93
N GLU A 15 -17.12 -21.33 -11.47
CA GLU A 15 -17.40 -21.34 -12.90
C GLU A 15 -16.61 -20.23 -13.58
N PRO A 16 -15.70 -20.60 -14.50
CA PRO A 16 -14.92 -19.57 -15.20
C PRO A 16 -15.79 -18.69 -16.09
N PRO A 17 -15.62 -17.36 -16.01
CA PRO A 17 -16.44 -16.48 -16.84
C PRO A 17 -16.09 -16.72 -18.32
N PRO A 18 -16.91 -16.17 -19.24
CA PRO A 18 -16.67 -16.33 -20.68
C PRO A 18 -15.31 -15.84 -21.13
N SER A 19 -14.76 -16.51 -22.15
CA SER A 19 -13.47 -16.16 -22.70
C SER A 19 -13.42 -16.46 -24.20
N THR A 20 -12.69 -15.62 -24.93
CA THR A 20 -12.56 -15.81 -26.38
C THR A 20 -11.34 -16.66 -26.71
N PHE A 21 -10.59 -17.06 -25.68
CA PHE A 21 -9.41 -17.90 -25.88
C PHE A 21 -9.77 -19.35 -25.62
N GLN A 22 -9.02 -20.27 -26.25
CA GLN A 22 -9.27 -21.70 -26.07
C GLN A 22 -7.95 -22.44 -25.89
N PRO A 23 -7.94 -23.44 -25.02
CA PRO A 23 -6.67 -24.17 -24.85
C PRO A 23 -6.32 -24.96 -26.10
N LEU A 24 -5.03 -25.24 -26.28
CA LEU A 24 -4.57 -25.99 -27.44
C LEU A 24 -3.37 -26.85 -27.09
N CYS A 25 -3.31 -28.06 -27.64
CA CYS A 25 -2.19 -28.95 -27.34
C CYS A 25 -1.36 -29.15 -28.60
N HIS A 26 -0.09 -29.51 -28.42
CA HIS A 26 0.82 -29.73 -29.53
C HIS A 26 0.58 -31.10 -30.17
N PRO A 27 0.46 -31.15 -31.51
CA PRO A 27 0.22 -32.42 -32.23
C PRO A 27 1.15 -33.57 -31.82
N LEU A 28 2.45 -33.32 -31.83
CA LEU A 28 3.44 -34.34 -31.47
C LEU A 28 3.45 -34.67 -29.97
N VAL A 29 2.42 -34.18 -29.27
CA VAL A 29 2.31 -34.39 -27.84
C VAL A 29 2.55 -35.84 -27.39
N GLU A 30 1.91 -36.78 -28.08
CA GLU A 30 2.05 -38.20 -27.74
C GLU A 30 3.46 -38.76 -27.94
N GLU A 31 4.10 -38.39 -29.05
CA GLU A 31 5.44 -38.87 -29.34
C GLU A 31 6.48 -38.25 -28.42
N VAL A 32 6.39 -36.93 -28.25
CA VAL A 32 7.32 -36.21 -27.40
C VAL A 32 7.30 -36.78 -25.99
N SER A 33 6.09 -36.97 -25.45
CA SER A 33 5.95 -37.50 -24.10
C SER A 33 6.72 -38.82 -24.00
N LYS A 34 6.34 -39.78 -24.83
CA LYS A 34 7.01 -41.08 -24.86
C LYS A 34 8.51 -40.89 -24.80
N GLU A 35 9.04 -40.16 -25.78
CA GLU A 35 10.47 -39.88 -25.87
C GLU A 35 11.05 -39.27 -24.60
N VAL A 36 10.53 -38.11 -24.21
CA VAL A 36 11.03 -37.43 -23.02
C VAL A 36 10.87 -38.28 -21.76
N ASP A 37 9.76 -39.01 -21.65
CA ASP A 37 9.50 -39.85 -20.49
C ASP A 37 10.56 -40.93 -20.35
N GLY A 38 10.69 -41.75 -21.39
CA GLY A 38 11.66 -42.82 -21.38
C GLY A 38 13.06 -42.35 -21.01
N TYR A 39 13.49 -41.25 -21.59
CA TYR A 39 14.81 -40.70 -21.32
C TYR A 39 15.03 -40.57 -19.81
N PHE A 40 14.17 -39.80 -19.15
CA PHE A 40 14.29 -39.60 -17.71
C PHE A 40 14.02 -40.87 -16.93
N LEU A 41 13.17 -41.73 -17.48
CA LEU A 41 12.82 -42.98 -16.82
C LEU A 41 14.03 -43.90 -16.63
N GLN A 42 15.12 -43.62 -17.32
CA GLN A 42 16.31 -44.45 -17.18
C GLN A 42 17.52 -43.69 -16.64
N HIS A 43 17.60 -42.40 -16.94
CA HIS A 43 18.73 -41.58 -16.49
C HIS A 43 18.52 -40.97 -15.11
N TRP A 44 17.26 -40.70 -14.77
CA TRP A 44 16.95 -40.09 -13.48
C TRP A 44 16.79 -41.13 -12.37
N ASN A 45 17.48 -40.90 -11.25
CA ASN A 45 17.43 -41.82 -10.11
C ASN A 45 16.14 -41.72 -9.30
N PHE A 46 15.11 -42.45 -9.71
CA PHE A 46 13.84 -42.43 -8.99
C PHE A 46 13.96 -43.32 -7.75
N PRO A 47 13.73 -42.73 -6.56
CA PRO A 47 13.81 -43.43 -5.27
C PRO A 47 13.36 -44.89 -5.28
N ASN A 48 12.22 -45.15 -5.90
CA ASN A 48 11.68 -46.51 -5.95
C ASN A 48 10.87 -46.78 -7.22
N GLU A 49 9.59 -47.07 -7.03
CA GLU A 49 8.67 -47.35 -8.13
C GLU A 49 7.50 -46.39 -7.98
N LYS A 50 7.11 -46.15 -6.74
CA LYS A 50 6.01 -45.25 -6.41
C LYS A 50 6.27 -43.92 -7.10
N ALA A 51 7.55 -43.60 -7.27
CA ALA A 51 7.97 -42.35 -7.91
C ALA A 51 7.73 -42.38 -9.42
N ARG A 52 8.24 -43.42 -10.09
CA ARG A 52 8.08 -43.54 -11.53
C ARG A 52 6.61 -43.54 -11.93
N LYS A 53 5.77 -44.09 -11.05
CA LYS A 53 4.34 -44.14 -11.31
C LYS A 53 3.80 -42.72 -11.26
N LYS A 54 4.20 -41.99 -10.23
CA LYS A 54 3.77 -40.61 -10.05
C LYS A 54 4.31 -39.76 -11.20
N PHE A 55 5.60 -39.90 -11.47
CA PHE A 55 6.27 -39.16 -12.53
C PHE A 55 5.48 -39.18 -13.84
N VAL A 56 5.15 -40.38 -14.31
CA VAL A 56 4.40 -40.50 -15.55
C VAL A 56 3.05 -39.80 -15.45
N ALA A 57 2.46 -39.86 -14.26
CA ALA A 57 1.16 -39.23 -14.02
C ALA A 57 1.22 -37.73 -14.26
N ALA A 58 2.28 -37.09 -13.79
CA ALA A 58 2.45 -35.66 -13.94
C ALA A 58 2.29 -35.23 -15.39
N GLY A 59 2.89 -35.99 -16.31
CA GLY A 59 2.80 -35.66 -17.72
C GLY A 59 3.49 -34.35 -18.05
N PHE A 60 4.69 -34.19 -17.52
CA PHE A 60 5.46 -32.97 -17.74
C PHE A 60 5.54 -32.55 -19.20
N SER A 61 5.81 -33.49 -20.09
CA SER A 61 5.91 -33.17 -21.51
C SER A 61 4.54 -32.82 -22.09
N ARG A 62 3.48 -33.30 -21.43
CA ARG A 62 2.12 -33.03 -21.86
C ARG A 62 1.74 -31.61 -21.45
N VAL A 63 2.30 -31.17 -20.33
CA VAL A 63 2.07 -29.83 -19.82
C VAL A 63 2.73 -28.82 -20.76
N THR A 64 3.94 -29.17 -21.21
CA THR A 64 4.71 -28.31 -22.10
C THR A 64 4.00 -28.09 -23.43
N CYS A 65 3.38 -29.14 -23.97
CA CYS A 65 2.68 -29.04 -25.24
C CYS A 65 1.42 -28.19 -25.13
N LEU A 66 0.99 -27.94 -23.90
CA LEU A 66 -0.20 -27.15 -23.63
C LEU A 66 0.16 -25.67 -23.66
N TYR A 67 1.34 -25.36 -23.14
CA TYR A 67 1.86 -24.00 -23.07
C TYR A 67 2.47 -23.51 -24.38
N PHE A 68 3.15 -24.41 -25.08
CA PHE A 68 3.81 -24.07 -26.33
C PHE A 68 3.23 -24.90 -27.47
N PRO A 69 1.91 -24.86 -27.68
CA PRO A 69 1.25 -25.63 -28.74
C PRO A 69 1.68 -25.28 -30.16
N LYS A 70 2.36 -24.14 -30.31
CA LYS A 70 2.82 -23.71 -31.62
C LYS A 70 4.32 -23.89 -31.79
N ALA A 71 4.92 -24.74 -30.96
CA ALA A 71 6.35 -24.99 -31.03
C ALA A 71 6.72 -25.79 -32.28
N LEU A 72 7.91 -25.55 -32.81
CA LEU A 72 8.38 -26.26 -34.00
C LEU A 72 8.47 -27.75 -33.66
N ASP A 73 8.02 -28.59 -34.58
CA ASP A 73 8.04 -30.03 -34.35
C ASP A 73 9.40 -30.58 -33.91
N ASP A 74 10.48 -30.04 -34.45
CA ASP A 74 11.81 -30.53 -34.09
C ASP A 74 12.44 -29.76 -32.94
N ARG A 75 11.61 -29.07 -32.15
CA ARG A 75 12.11 -28.31 -31.02
C ARG A 75 11.31 -28.52 -29.73
N ILE A 76 10.03 -28.86 -29.88
CA ILE A 76 9.19 -29.06 -28.71
C ILE A 76 9.79 -29.99 -27.68
N HIS A 77 10.63 -30.94 -28.10
CA HIS A 77 11.23 -31.86 -27.14
C HIS A 77 12.28 -31.17 -26.29
N PHE A 78 12.89 -30.13 -26.83
CA PHE A 78 13.90 -29.40 -26.07
C PHE A 78 13.20 -28.77 -24.86
N ALA A 79 11.99 -28.26 -25.08
CA ALA A 79 11.20 -27.64 -24.03
C ALA A 79 10.79 -28.65 -22.97
N CYS A 80 10.22 -29.76 -23.41
CA CYS A 80 9.79 -30.82 -22.50
C CYS A 80 10.92 -31.30 -21.60
N ARG A 81 12.09 -31.49 -22.18
CA ARG A 81 13.24 -31.94 -21.39
C ARG A 81 13.61 -30.88 -20.39
N LEU A 82 13.68 -29.62 -20.85
CA LEU A 82 14.05 -28.53 -19.97
C LEU A 82 13.11 -28.39 -18.78
N LEU A 83 11.81 -28.34 -19.05
CA LEU A 83 10.85 -28.20 -17.97
C LEU A 83 10.89 -29.40 -17.04
N THR A 84 10.89 -30.60 -17.61
CA THR A 84 10.93 -31.83 -16.82
C THR A 84 12.04 -31.77 -15.77
N VAL A 85 13.26 -31.48 -16.20
CA VAL A 85 14.38 -31.43 -15.27
C VAL A 85 14.20 -30.31 -14.24
N LEU A 86 13.58 -29.21 -14.65
CA LEU A 86 13.35 -28.10 -13.73
C LEU A 86 12.29 -28.51 -12.71
N PHE A 87 11.24 -29.16 -13.20
CA PHE A 87 10.18 -29.63 -12.32
C PHE A 87 10.80 -30.55 -11.29
N LEU A 88 11.51 -31.57 -11.77
CA LEU A 88 12.15 -32.54 -10.90
C LEU A 88 13.08 -31.86 -9.90
N ILE A 89 13.94 -30.97 -10.38
CA ILE A 89 14.85 -30.28 -9.48
C ILE A 89 14.10 -29.45 -8.44
N ASP A 90 12.94 -28.92 -8.83
CA ASP A 90 12.13 -28.12 -7.92
C ASP A 90 11.67 -28.97 -6.75
N ASP A 91 11.36 -30.23 -7.04
CA ASP A 91 10.90 -31.18 -6.03
C ASP A 91 12.01 -31.56 -5.05
N LEU A 92 13.21 -31.82 -5.57
CA LEU A 92 14.32 -32.17 -4.68
C LEU A 92 14.71 -30.98 -3.82
N LEU A 93 14.51 -29.76 -4.34
CA LEU A 93 14.84 -28.55 -3.60
C LEU A 93 13.97 -28.44 -2.35
N GLU A 94 12.78 -29.03 -2.44
CA GLU A 94 11.82 -29.03 -1.35
C GLU A 94 12.40 -29.73 -0.12
N TYR A 95 13.40 -30.58 -0.35
CA TYR A 95 14.04 -31.33 0.72
C TYR A 95 15.41 -30.76 1.08
N MET A 96 15.66 -29.52 0.67
CA MET A 96 16.94 -28.87 0.95
C MET A 96 16.73 -27.48 1.53
N SER A 97 17.74 -27.00 2.27
CA SER A 97 17.67 -25.67 2.85
C SER A 97 17.98 -24.66 1.76
N PHE A 98 17.85 -23.37 2.09
CA PHE A 98 18.11 -22.33 1.10
C PHE A 98 19.57 -22.37 0.65
N GLU A 99 20.46 -22.62 1.60
CA GLU A 99 21.89 -22.70 1.30
C GLU A 99 22.20 -23.94 0.47
N GLU A 100 21.59 -25.06 0.83
CA GLU A 100 21.78 -26.31 0.11
C GLU A 100 21.37 -26.16 -1.35
N GLY A 101 20.09 -25.94 -1.57
CA GLY A 101 19.55 -25.80 -2.92
C GLY A 101 20.26 -24.76 -3.77
N SER A 102 20.62 -23.65 -3.15
CA SER A 102 21.34 -22.58 -3.83
C SER A 102 22.66 -23.10 -4.40
N ALA A 103 23.38 -23.86 -3.60
CA ALA A 103 24.66 -24.43 -4.02
C ALA A 103 24.43 -25.56 -5.02
N TYR A 104 23.34 -26.30 -4.85
CA TYR A 104 23.01 -27.40 -5.74
C TYR A 104 22.86 -26.88 -7.16
N ASN A 105 21.97 -25.89 -7.35
CA ASN A 105 21.76 -25.32 -8.67
C ASN A 105 22.92 -24.47 -9.16
N GLU A 106 23.61 -23.84 -8.22
CA GLU A 106 24.74 -22.99 -8.55
C GLU A 106 25.84 -23.80 -9.25
N LYS A 107 25.77 -25.11 -9.09
CA LYS A 107 26.74 -26.02 -9.67
C LYS A 107 26.32 -26.42 -11.08
N LEU A 108 25.03 -26.60 -11.29
CA LEU A 108 24.52 -26.99 -12.61
C LEU A 108 24.61 -25.86 -13.64
N ILE A 109 24.78 -24.64 -13.15
CA ILE A 109 24.87 -23.48 -14.05
C ILE A 109 26.15 -23.54 -14.89
N PRO A 110 27.33 -23.52 -14.25
CA PRO A 110 28.56 -23.56 -15.04
C PRO A 110 28.57 -24.79 -15.95
N ILE A 111 27.79 -25.80 -15.58
CA ILE A 111 27.68 -27.02 -16.36
C ILE A 111 26.79 -26.77 -17.57
N SER A 112 25.69 -26.04 -17.36
CA SER A 112 24.77 -25.73 -18.44
C SER A 112 25.46 -24.91 -19.52
N ARG A 113 26.37 -24.04 -19.10
CA ARG A 113 27.12 -23.20 -20.01
C ARG A 113 28.06 -24.05 -20.86
N GLY A 114 28.26 -25.29 -20.43
CA GLY A 114 29.16 -26.19 -21.14
C GLY A 114 30.60 -25.89 -20.76
N ASP A 115 30.77 -24.98 -19.81
CA ASP A 115 32.09 -24.55 -19.34
C ASP A 115 32.75 -25.60 -18.43
N VAL A 116 31.93 -26.44 -17.81
CA VAL A 116 32.43 -27.48 -16.92
C VAL A 116 31.74 -28.79 -17.24
N LEU A 117 32.53 -29.83 -17.50
CA LEU A 117 31.99 -31.14 -17.82
C LEU A 117 31.26 -31.74 -16.62
N PRO A 118 30.25 -32.57 -16.88
CA PRO A 118 29.45 -33.22 -15.85
C PRO A 118 30.09 -34.46 -15.25
N ASP A 119 29.73 -34.77 -14.01
CA ASP A 119 30.24 -35.98 -13.37
C ASP A 119 29.25 -37.05 -13.84
N ARG A 120 29.58 -37.69 -14.96
CA ARG A 120 28.76 -38.71 -15.59
C ARG A 120 28.11 -39.73 -14.65
N SER A 121 28.56 -39.77 -13.39
CA SER A 121 28.00 -40.70 -12.41
C SER A 121 26.80 -40.10 -11.66
N ILE A 122 26.65 -38.78 -11.74
CA ILE A 122 25.56 -38.06 -11.09
C ILE A 122 24.53 -37.60 -12.14
N PRO A 123 23.47 -38.39 -12.34
CA PRO A 123 22.40 -38.12 -13.31
C PRO A 123 22.09 -36.66 -13.63
N VAL A 124 21.53 -35.93 -12.66
CA VAL A 124 21.18 -34.53 -12.86
C VAL A 124 22.29 -33.71 -13.51
N GLU A 125 23.54 -34.01 -13.18
CA GLU A 125 24.68 -33.28 -13.73
C GLU A 125 24.94 -33.49 -15.22
N TYR A 126 24.86 -34.73 -15.69
CA TYR A 126 25.11 -34.97 -17.11
C TYR A 126 23.86 -34.83 -17.95
N ILE A 127 22.70 -34.83 -17.31
CA ILE A 127 21.45 -34.69 -18.05
C ILE A 127 21.28 -33.23 -18.47
N ILE A 128 21.78 -32.32 -17.64
CA ILE A 128 21.72 -30.89 -17.91
C ILE A 128 22.76 -30.56 -18.98
N TYR A 129 24.00 -30.97 -18.72
CA TYR A 129 25.10 -30.74 -19.64
C TYR A 129 24.73 -31.14 -21.05
N ASP A 130 24.35 -32.40 -21.21
CA ASP A 130 23.97 -32.92 -22.52
C ASP A 130 22.83 -32.14 -23.14
N LEU A 131 21.81 -31.81 -22.36
CA LEU A 131 20.66 -31.07 -22.88
C LEU A 131 21.11 -29.77 -23.54
N TRP A 132 21.89 -28.97 -22.83
CA TRP A 132 22.38 -27.71 -23.37
C TRP A 132 23.38 -27.91 -24.51
N GLU A 133 24.15 -29.00 -24.45
CA GLU A 133 25.10 -29.31 -25.52
C GLU A 133 24.28 -29.58 -26.78
N SER A 134 23.13 -30.23 -26.58
CA SER A 134 22.23 -30.57 -27.67
C SER A 134 21.64 -29.32 -28.29
N MET A 135 20.97 -28.54 -27.45
CA MET A 135 20.32 -27.30 -27.90
C MET A 135 21.23 -26.40 -28.70
N ARG A 136 22.45 -26.18 -28.22
CA ARG A 136 23.40 -25.34 -28.94
C ARG A 136 23.65 -25.96 -30.31
N ALA A 137 23.74 -27.29 -30.33
CA ALA A 137 23.98 -28.01 -31.57
C ALA A 137 22.88 -27.80 -32.61
N HIS A 138 21.67 -27.53 -32.15
CA HIS A 138 20.53 -27.33 -33.06
C HIS A 138 20.38 -25.86 -33.48
N ASP A 139 20.79 -24.95 -32.60
CA ASP A 139 20.69 -23.52 -32.88
C ASP A 139 21.51 -22.74 -31.85
N ARG A 140 22.82 -22.89 -31.93
CA ARG A 140 23.77 -22.22 -31.04
C ARG A 140 23.35 -20.81 -30.64
N GLU A 141 22.87 -20.05 -31.62
CA GLU A 141 22.46 -18.67 -31.38
C GLU A 141 21.32 -18.52 -30.37
N MET A 142 20.18 -19.11 -30.70
CA MET A 142 19.02 -19.03 -29.83
C MET A 142 19.20 -19.78 -28.51
N ALA A 143 19.98 -20.86 -28.55
CA ALA A 143 20.23 -21.64 -27.35
C ALA A 143 20.86 -20.75 -26.29
N ASP A 144 21.90 -20.01 -26.66
CA ASP A 144 22.57 -19.13 -25.73
C ASP A 144 21.60 -18.02 -25.29
N GLU A 145 20.68 -17.69 -26.19
CA GLU A 145 19.68 -16.65 -25.99
C GLU A 145 18.80 -16.92 -24.76
N ILE A 146 18.66 -18.18 -24.38
CA ILE A 146 17.83 -18.53 -23.23
C ILE A 146 18.57 -19.05 -22.01
N LEU A 147 19.90 -18.94 -22.00
CA LEU A 147 20.69 -19.39 -20.87
C LEU A 147 20.38 -18.57 -19.62
N GLU A 148 20.43 -17.25 -19.76
CA GLU A 148 20.18 -16.34 -18.66
C GLU A 148 18.76 -16.49 -18.08
N PRO A 149 17.74 -16.62 -18.94
CA PRO A 149 16.37 -16.77 -18.45
C PRO A 149 16.24 -18.00 -17.55
N VAL A 150 16.91 -19.09 -17.94
CA VAL A 150 16.89 -20.33 -17.17
C VAL A 150 17.64 -20.15 -15.84
N PHE A 151 18.81 -19.53 -15.89
CA PHE A 151 19.59 -19.33 -14.67
C PHE A 151 18.91 -18.35 -13.72
N LEU A 152 18.24 -17.35 -14.26
CA LEU A 152 17.54 -16.37 -13.44
C LEU A 152 16.46 -17.10 -12.65
N PHE A 153 15.86 -18.09 -13.30
CA PHE A 153 14.81 -18.89 -12.68
C PHE A 153 15.40 -19.79 -11.61
N MET A 154 16.37 -20.62 -12.01
CA MET A 154 17.01 -21.54 -11.10
C MET A 154 17.48 -20.89 -9.80
N ARG A 155 18.09 -19.71 -9.91
CA ARG A 155 18.56 -19.02 -8.72
C ARG A 155 17.41 -18.47 -7.90
N ALA A 156 16.23 -18.39 -8.50
CA ALA A 156 15.06 -17.88 -7.78
C ALA A 156 14.37 -19.02 -7.03
N GLN A 157 14.55 -20.25 -7.50
CA GLN A 157 13.94 -21.39 -6.84
C GLN A 157 14.40 -21.49 -5.38
N THR A 158 15.57 -20.93 -5.09
CA THR A 158 16.10 -20.97 -3.74
C THR A 158 16.26 -19.57 -3.15
N ASP A 159 15.26 -18.73 -3.36
CA ASP A 159 15.29 -17.37 -2.83
C ASP A 159 14.36 -17.22 -1.64
N ARG A 160 14.74 -16.34 -0.72
CA ARG A 160 13.94 -16.09 0.48
C ARG A 160 13.04 -14.89 0.18
N THR A 161 11.74 -15.12 0.21
CA THR A 161 10.76 -14.08 -0.07
C THR A 161 10.71 -13.06 1.08
N ARG A 162 10.84 -11.78 0.74
CA ARG A 162 10.81 -10.73 1.75
C ARG A 162 9.34 -10.29 1.92
N ALA A 163 8.79 -10.56 3.09
CA ALA A 163 7.40 -10.21 3.39
C ALA A 163 7.26 -8.74 3.76
N ARG A 164 6.28 -8.08 3.15
CA ARG A 164 6.01 -6.67 3.43
C ARG A 164 4.57 -6.38 3.03
N PRO A 165 3.93 -5.40 3.68
CA PRO A 165 2.55 -5.11 3.31
C PRO A 165 2.46 -4.78 1.83
N MET A 166 1.58 -5.46 1.13
CA MET A 166 1.46 -5.24 -0.30
C MET A 166 0.01 -5.18 -0.75
N GLY A 167 -0.33 -4.15 -1.51
CA GLY A 167 -1.69 -4.01 -2.00
C GLY A 167 -1.79 -4.73 -3.34
N LEU A 168 -2.98 -4.69 -3.93
CA LEU A 168 -3.20 -5.35 -5.21
C LEU A 168 -2.24 -4.85 -6.28
N GLY A 169 -2.20 -3.54 -6.45
CA GLY A 169 -1.31 -2.96 -7.45
C GLY A 169 0.13 -3.40 -7.28
N GLY A 170 0.61 -3.36 -6.04
CA GLY A 170 1.98 -3.76 -5.75
C GLY A 170 2.24 -5.20 -6.11
N TYR A 171 1.32 -6.07 -5.75
CA TYR A 171 1.42 -7.50 -6.03
C TYR A 171 1.45 -7.76 -7.53
N LEU A 172 0.58 -7.07 -8.25
CA LEU A 172 0.50 -7.25 -9.70
C LEU A 172 1.76 -6.74 -10.40
N GLU A 173 2.27 -5.60 -9.93
CA GLU A 173 3.47 -5.02 -10.53
C GLU A 173 4.61 -6.01 -10.36
N TYR A 174 4.66 -6.63 -9.18
CA TYR A 174 5.65 -7.61 -8.83
C TYR A 174 5.54 -8.83 -9.75
N ARG A 175 4.33 -9.33 -9.96
CA ARG A 175 4.15 -10.50 -10.82
C ARG A 175 4.53 -10.24 -12.28
N GLU A 176 4.39 -8.99 -12.73
CA GLU A 176 4.75 -8.66 -14.10
C GLU A 176 6.21 -9.03 -14.33
N ARG A 177 7.00 -8.97 -13.26
CA ARG A 177 8.42 -9.29 -13.33
C ARG A 177 8.71 -10.76 -12.98
N ASP A 178 7.67 -11.56 -12.78
CA ASP A 178 7.84 -12.96 -12.44
C ASP A 178 8.86 -13.64 -13.35
N VAL A 179 9.91 -14.19 -12.74
CA VAL A 179 10.98 -14.86 -13.49
C VAL A 179 10.48 -16.10 -14.23
N GLY A 180 9.49 -16.78 -13.66
CA GLY A 180 8.94 -17.98 -14.28
C GLY A 180 8.25 -17.66 -15.59
N LYS A 181 7.38 -16.67 -15.58
CA LYS A 181 6.66 -16.27 -16.78
C LYS A 181 7.66 -15.76 -17.80
N GLU A 182 8.72 -15.10 -17.34
CA GLU A 182 9.75 -14.62 -18.25
C GLU A 182 10.36 -15.84 -18.95
N LEU A 183 10.60 -16.89 -18.18
CA LEU A 183 11.16 -18.12 -18.71
C LEU A 183 10.27 -18.77 -19.78
N LEU A 184 8.96 -18.82 -19.51
CA LEU A 184 8.04 -19.42 -20.46
C LEU A 184 8.04 -18.67 -21.78
N ALA A 185 8.06 -17.34 -21.70
CA ALA A 185 8.07 -16.49 -22.87
C ALA A 185 9.36 -16.69 -23.66
N ALA A 186 10.48 -16.71 -22.94
CA ALA A 186 11.77 -16.91 -23.59
C ALA A 186 11.81 -18.31 -24.20
N LEU A 187 11.42 -19.31 -23.42
CA LEU A 187 11.42 -20.69 -23.90
C LEU A 187 10.47 -20.85 -25.08
N MET A 188 9.38 -20.09 -25.08
CA MET A 188 8.42 -20.17 -26.18
C MET A 188 9.04 -19.66 -27.48
N ARG A 189 9.74 -18.54 -27.39
CA ARG A 189 10.38 -17.97 -28.57
C ARG A 189 11.36 -18.97 -29.14
N PHE A 190 12.09 -19.65 -28.26
CA PHE A 190 13.06 -20.65 -28.67
C PHE A 190 12.38 -21.82 -29.38
N SER A 191 11.26 -22.27 -28.81
CA SER A 191 10.51 -23.39 -29.37
C SER A 191 9.81 -23.06 -30.68
N MET A 192 9.58 -21.77 -30.91
CA MET A 192 8.92 -21.34 -32.14
C MET A 192 9.87 -20.81 -33.19
N GLY A 193 11.16 -20.73 -32.86
CA GLY A 193 12.16 -20.23 -33.78
C GLY A 193 12.00 -18.75 -34.07
N LEU A 194 11.58 -18.00 -33.07
CA LEU A 194 11.38 -16.56 -33.22
C LEU A 194 12.52 -15.73 -32.64
N LYS A 195 13.43 -15.28 -33.50
CA LYS A 195 14.56 -14.46 -33.06
C LYS A 195 14.14 -13.00 -33.04
N LEU A 196 13.60 -12.53 -31.93
CA LEU A 196 13.16 -11.15 -31.84
C LEU A 196 14.31 -10.18 -31.56
N SER A 197 14.30 -9.05 -32.24
CA SER A 197 15.33 -8.04 -32.07
C SER A 197 15.00 -7.26 -30.80
N PRO A 198 15.97 -6.49 -30.29
CA PRO A 198 15.74 -5.70 -29.07
C PRO A 198 14.57 -4.74 -29.26
N SER A 199 14.44 -4.20 -30.47
CA SER A 199 13.38 -3.25 -30.79
C SER A 199 12.01 -3.92 -30.79
N GLU A 200 11.96 -5.16 -31.22
CA GLU A 200 10.70 -5.88 -31.27
C GLU A 200 10.24 -6.20 -29.84
N LEU A 201 11.14 -6.72 -29.01
CA LEU A 201 10.81 -7.05 -27.63
C LEU A 201 10.37 -5.82 -26.84
N GLN A 202 11.07 -4.71 -27.05
CA GLN A 202 10.73 -3.47 -26.36
C GLN A 202 9.34 -3.04 -26.80
N ARG A 203 8.97 -3.44 -28.01
CA ARG A 203 7.68 -3.09 -28.60
C ARG A 203 6.51 -3.84 -27.96
N VAL A 204 6.79 -4.98 -27.33
CA VAL A 204 5.74 -5.78 -26.70
C VAL A 204 5.85 -5.85 -25.19
N ARG A 205 6.41 -4.80 -24.60
CA ARG A 205 6.59 -4.75 -23.16
C ARG A 205 5.27 -4.87 -22.43
N GLU A 206 4.35 -3.93 -22.71
CA GLU A 206 3.04 -3.94 -22.08
C GLU A 206 2.36 -5.29 -22.22
N ILE A 207 2.35 -5.81 -23.44
CA ILE A 207 1.75 -7.10 -23.74
C ILE A 207 2.30 -8.19 -22.83
N ASP A 208 3.63 -8.22 -22.66
CA ASP A 208 4.26 -9.24 -21.81
C ASP A 208 3.86 -9.08 -20.35
N ALA A 209 3.77 -7.83 -19.89
CA ALA A 209 3.41 -7.56 -18.50
C ALA A 209 1.95 -7.95 -18.26
N ASN A 210 1.11 -7.64 -19.23
CA ASN A 210 -0.31 -7.94 -19.16
C ASN A 210 -0.48 -9.46 -19.07
N CYS A 211 0.14 -10.18 -19.98
CA CYS A 211 0.08 -11.65 -20.00
C CYS A 211 0.66 -12.26 -18.71
N SER A 212 1.81 -11.75 -18.27
CA SER A 212 2.46 -12.25 -17.07
C SER A 212 1.56 -12.15 -15.84
N LYS A 213 0.73 -11.12 -15.82
CA LYS A 213 -0.20 -10.92 -14.73
C LYS A 213 -1.26 -12.01 -14.82
N HIS A 214 -1.79 -12.19 -16.03
CA HIS A 214 -2.82 -13.17 -16.32
C HIS A 214 -2.41 -14.58 -15.86
N LEU A 215 -1.27 -15.06 -16.33
CA LEU A 215 -0.82 -16.39 -15.94
C LEU A 215 -0.70 -16.50 -14.42
N SER A 216 -0.11 -15.48 -13.80
CA SER A 216 0.10 -15.47 -12.35
C SER A 216 -1.18 -15.47 -11.51
N VAL A 217 -2.20 -14.74 -11.95
CA VAL A 217 -3.47 -14.68 -11.22
C VAL A 217 -4.28 -15.95 -11.39
N VAL A 218 -4.35 -16.46 -12.61
CA VAL A 218 -5.09 -17.69 -12.84
C VAL A 218 -4.47 -18.78 -11.97
N ASN A 219 -3.15 -18.77 -11.85
CA ASN A 219 -2.48 -19.73 -10.99
C ASN A 219 -3.02 -19.56 -9.55
N ASP A 220 -2.94 -18.32 -9.04
CA ASP A 220 -3.40 -18.02 -7.68
C ASP A 220 -4.83 -18.48 -7.43
N ILE A 221 -5.71 -18.26 -8.39
CA ILE A 221 -7.10 -18.66 -8.24
C ILE A 221 -7.22 -20.15 -7.96
N TYR A 222 -6.37 -20.96 -8.59
CA TYR A 222 -6.44 -22.40 -8.40
C TYR A 222 -5.46 -23.01 -7.40
N SER A 223 -4.51 -22.23 -6.93
CA SER A 223 -3.54 -22.76 -5.97
C SER A 223 -3.84 -22.25 -4.57
N TYR A 224 -4.87 -21.42 -4.46
CA TYR A 224 -5.23 -20.85 -3.18
C TYR A 224 -5.41 -21.87 -2.06
N GLU A 225 -6.40 -22.75 -2.23
CA GLU A 225 -6.68 -23.78 -1.24
C GLU A 225 -5.37 -24.46 -0.85
N LYS A 226 -4.64 -24.93 -1.86
CA LYS A 226 -3.36 -25.59 -1.66
C LYS A 226 -2.50 -24.77 -0.70
N GLU A 227 -2.20 -23.55 -1.10
CA GLU A 227 -1.38 -22.65 -0.29
C GLU A 227 -2.09 -22.34 1.04
N LEU A 228 -3.39 -22.58 1.08
CA LEU A 228 -4.16 -22.28 2.29
C LEU A 228 -4.06 -23.36 3.37
N TYR A 229 -2.85 -23.86 3.59
CA TYR A 229 -2.65 -24.82 4.67
C TYR A 229 -1.91 -24.00 5.71
N THR A 230 -1.30 -24.63 6.70
CA THR A 230 -0.57 -23.86 7.71
C THR A 230 0.92 -23.80 7.40
N LEU A 241 -0.45 -16.65 1.74
CA LEU A 241 0.67 -15.91 2.29
C LEU A 241 1.06 -14.74 1.37
N CYS A 242 1.00 -14.95 0.07
CA CYS A 242 1.31 -13.92 -0.92
C CYS A 242 0.64 -14.26 -2.24
N THR A 243 -0.64 -13.97 -2.34
CA THR A 243 -1.42 -14.26 -3.54
C THR A 243 -2.50 -13.21 -3.74
N SER A 244 -2.89 -12.98 -4.99
CA SER A 244 -3.91 -11.98 -5.28
C SER A 244 -5.25 -12.32 -4.60
N VAL A 245 -5.48 -13.60 -4.31
CA VAL A 245 -6.72 -14.02 -3.67
C VAL A 245 -6.86 -13.46 -2.26
N GLN A 246 -5.86 -13.69 -1.42
CA GLN A 246 -5.89 -13.20 -0.05
C GLN A 246 -5.88 -11.68 0.01
N ILE A 247 -5.10 -11.07 -0.87
CA ILE A 247 -4.98 -9.61 -0.91
C ILE A 247 -6.28 -8.93 -1.33
N LEU A 248 -6.92 -9.41 -2.40
CA LEU A 248 -8.15 -8.78 -2.85
C LEU A 248 -9.26 -9.02 -1.83
N ALA A 249 -9.33 -10.24 -1.30
CA ALA A 249 -10.34 -10.58 -0.32
C ALA A 249 -10.26 -9.62 0.87
N GLN A 250 -9.04 -9.28 1.27
CA GLN A 250 -8.83 -8.39 2.41
C GLN A 250 -9.07 -6.91 2.11
N GLU A 251 -8.68 -6.45 0.93
CA GLU A 251 -8.89 -5.05 0.57
C GLU A 251 -10.35 -4.74 0.27
N ALA A 252 -11.09 -5.77 -0.15
CA ALA A 252 -12.50 -5.61 -0.48
C ALA A 252 -13.40 -6.16 0.63
N ASP A 253 -12.78 -6.83 1.59
CA ASP A 253 -13.49 -7.42 2.72
C ASP A 253 -14.55 -8.43 2.28
N VAL A 254 -14.17 -9.31 1.37
CA VAL A 254 -15.06 -10.35 0.89
C VAL A 254 -14.33 -11.67 1.12
N THR A 255 -15.01 -12.79 0.85
CA THR A 255 -14.39 -14.09 1.06
C THR A 255 -13.38 -14.35 -0.04
N ALA A 256 -12.48 -15.28 0.22
CA ALA A 256 -11.46 -15.67 -0.74
C ALA A 256 -12.19 -16.17 -2.00
N GLU A 257 -13.28 -16.90 -1.79
CA GLU A 257 -14.05 -17.40 -2.91
C GLU A 257 -14.59 -16.28 -3.79
N ALA A 258 -15.05 -15.20 -3.16
CA ALA A 258 -15.56 -14.07 -3.91
C ALA A 258 -14.40 -13.39 -4.63
N ALA A 259 -13.28 -13.21 -3.93
CA ALA A 259 -12.11 -12.58 -4.52
C ALA A 259 -11.73 -13.32 -5.81
N LYS A 260 -11.80 -14.65 -5.77
CA LYS A 260 -11.49 -15.45 -6.95
C LYS A 260 -12.42 -15.16 -8.11
N ARG A 261 -13.69 -14.94 -7.84
CA ARG A 261 -14.64 -14.64 -8.91
C ARG A 261 -14.36 -13.25 -9.49
N VAL A 262 -14.02 -12.29 -8.62
CA VAL A 262 -13.70 -10.95 -9.10
C VAL A 262 -12.45 -11.01 -9.96
N LEU A 263 -11.42 -11.66 -9.43
CA LEU A 263 -10.15 -11.82 -10.12
C LEU A 263 -10.28 -12.50 -11.47
N PHE A 264 -11.17 -13.47 -11.58
CA PHE A 264 -11.33 -14.16 -12.84
C PHE A 264 -11.82 -13.18 -13.90
N VAL A 265 -12.77 -12.33 -13.52
CA VAL A 265 -13.29 -11.33 -14.44
C VAL A 265 -12.15 -10.42 -14.87
N MET A 266 -11.31 -10.05 -13.91
CA MET A 266 -10.17 -9.19 -14.19
C MET A 266 -9.30 -9.87 -15.24
N CYS A 267 -9.14 -11.18 -15.11
CA CYS A 267 -8.34 -11.92 -16.08
C CYS A 267 -8.92 -11.81 -17.48
N ARG A 268 -10.26 -11.83 -17.60
CA ARG A 268 -10.87 -11.69 -18.91
C ARG A 268 -10.57 -10.28 -19.43
N GLU A 269 -10.53 -9.31 -18.53
CA GLU A 269 -10.22 -7.95 -18.94
C GLU A 269 -8.82 -7.91 -19.52
N TRP A 270 -7.90 -8.65 -18.90
CA TRP A 270 -6.53 -8.66 -19.40
C TRP A 270 -6.47 -9.35 -20.76
N GLU A 271 -7.37 -10.31 -20.99
CA GLU A 271 -7.39 -10.99 -22.26
C GLU A 271 -7.85 -9.98 -23.30
N LEU A 272 -8.79 -9.13 -22.90
CA LEU A 272 -9.29 -8.10 -23.78
C LEU A 272 -8.16 -7.10 -24.06
N ARG A 273 -7.46 -6.70 -23.01
CA ARG A 273 -6.35 -5.75 -23.16
C ARG A 273 -5.33 -6.31 -24.15
N HIS A 274 -5.08 -7.62 -24.06
CA HIS A 274 -4.13 -8.25 -24.96
C HIS A 274 -4.55 -8.05 -26.42
N GLN A 275 -5.81 -8.31 -26.71
CA GLN A 275 -6.31 -8.15 -28.08
C GLN A 275 -6.23 -6.71 -28.58
N LEU A 276 -6.51 -5.75 -27.71
CA LEU A 276 -6.46 -4.35 -28.09
C LEU A 276 -5.03 -3.86 -28.28
N LEU A 277 -4.10 -4.39 -27.49
CA LEU A 277 -2.70 -3.99 -27.62
C LEU A 277 -2.13 -4.52 -28.93
N VAL A 278 -2.56 -5.71 -29.32
CA VAL A 278 -2.11 -6.30 -30.57
C VAL A 278 -2.63 -5.51 -31.76
N ALA A 279 -3.91 -5.14 -31.71
CA ALA A 279 -4.51 -4.37 -32.79
C ALA A 279 -3.83 -3.01 -32.95
N ARG A 280 -3.55 -2.35 -31.83
CA ARG A 280 -2.90 -1.05 -31.86
C ARG A 280 -1.47 -1.23 -32.36
N LEU A 281 -0.79 -2.25 -31.86
CA LEU A 281 0.58 -2.56 -32.25
C LEU A 281 0.62 -2.82 -33.76
N SER A 282 -0.49 -3.32 -34.29
CA SER A 282 -0.58 -3.61 -35.71
C SER A 282 -0.96 -2.35 -36.48
N ALA A 283 -1.99 -1.66 -36.01
CA ALA A 283 -2.47 -0.44 -36.64
C ALA A 283 -1.37 0.62 -36.76
N GLU A 284 -0.43 0.63 -35.82
CA GLU A 284 0.66 1.59 -35.84
C GLU A 284 1.78 1.11 -36.76
N GLY A 285 1.54 -0.02 -37.44
CA GLY A 285 2.53 -0.57 -38.34
C GLY A 285 3.75 -1.13 -37.63
N LEU A 286 3.64 -1.26 -36.31
CA LEU A 286 4.74 -1.76 -35.51
C LEU A 286 4.81 -3.29 -35.42
N GLU A 287 3.74 -3.97 -35.81
CA GLU A 287 3.72 -5.42 -35.74
C GLU A 287 4.46 -6.08 -36.90
N THR A 288 5.37 -6.97 -36.58
CA THR A 288 6.15 -7.69 -37.59
C THR A 288 5.69 -9.14 -37.62
N PRO A 289 6.11 -9.90 -38.64
CA PRO A 289 5.70 -11.30 -38.74
C PRO A 289 6.13 -12.09 -37.50
N GLY A 290 7.26 -11.69 -36.92
CA GLY A 290 7.77 -12.35 -35.73
C GLY A 290 6.94 -12.04 -34.49
N LEU A 291 6.59 -10.77 -34.31
CA LEU A 291 5.80 -10.36 -33.17
C LEU A 291 4.39 -10.93 -33.24
N ALA A 292 3.87 -11.05 -34.46
CA ALA A 292 2.53 -11.58 -34.67
C ALA A 292 2.45 -13.01 -34.16
N ALA A 293 3.46 -13.81 -34.50
CA ALA A 293 3.51 -15.20 -34.07
C ALA A 293 3.73 -15.27 -32.56
N TYR A 294 4.48 -14.31 -32.02
CA TYR A 294 4.78 -14.27 -30.59
C TYR A 294 3.57 -13.94 -29.73
N VAL A 295 2.84 -12.89 -30.08
CA VAL A 295 1.66 -12.50 -29.31
C VAL A 295 0.59 -13.60 -29.34
N GLU A 296 0.47 -14.31 -30.45
CA GLU A 296 -0.51 -15.40 -30.55
C GLU A 296 -0.01 -16.52 -29.65
N GLY A 297 1.30 -16.70 -29.60
CA GLY A 297 1.87 -17.73 -28.74
C GLY A 297 1.57 -17.44 -27.27
N LEU A 298 1.54 -16.16 -26.90
CA LEU A 298 1.25 -15.79 -25.52
C LEU A 298 -0.22 -16.02 -25.22
N GLU A 299 -1.07 -15.81 -26.21
CA GLU A 299 -2.51 -16.01 -26.04
C GLU A 299 -2.74 -17.44 -25.59
N TYR A 300 -2.13 -18.39 -26.30
CA TYR A 300 -2.29 -19.79 -25.97
C TYR A 300 -1.56 -20.14 -24.68
N GLN A 301 -0.65 -19.27 -24.25
CA GLN A 301 0.04 -19.51 -22.99
C GLN A 301 -0.97 -19.25 -21.89
N MET A 302 -1.79 -18.20 -22.08
CA MET A 302 -2.80 -17.84 -21.12
C MET A 302 -3.92 -18.88 -21.07
N SER A 303 -4.40 -19.29 -22.24
CA SER A 303 -5.46 -20.29 -22.31
C SER A 303 -4.97 -21.63 -21.76
N GLY A 304 -3.77 -22.02 -22.17
CA GLY A 304 -3.19 -23.27 -21.72
C GLY A 304 -2.99 -23.30 -20.21
N ASN A 305 -2.35 -22.25 -19.70
CA ASN A 305 -2.08 -22.11 -18.28
C ASN A 305 -3.36 -22.23 -17.45
N GLU A 306 -4.46 -21.76 -18.01
CA GLU A 306 -5.74 -21.81 -17.32
C GLU A 306 -6.20 -23.26 -17.17
N LEU A 307 -6.14 -24.03 -18.26
CA LEU A 307 -6.56 -25.42 -18.23
C LEU A 307 -5.69 -26.20 -17.26
N TRP A 308 -4.39 -25.97 -17.36
CA TRP A 308 -3.41 -26.63 -16.50
C TRP A 308 -3.74 -26.36 -15.04
N SER A 309 -3.95 -25.09 -14.71
CA SER A 309 -4.28 -24.68 -13.35
C SER A 309 -5.50 -25.43 -12.80
N GLN A 310 -6.44 -25.74 -13.68
CA GLN A 310 -7.66 -26.44 -13.29
C GLN A 310 -7.45 -27.96 -13.20
N THR A 311 -6.38 -28.46 -13.81
CA THR A 311 -6.17 -29.91 -13.83
C THR A 311 -4.91 -30.46 -13.17
N THR A 312 -3.87 -29.65 -13.01
CA THR A 312 -2.66 -30.16 -12.39
C THR A 312 -2.91 -30.58 -10.95
N LEU A 313 -2.25 -31.65 -10.53
CA LEU A 313 -2.40 -32.15 -9.17
C LEU A 313 -1.48 -31.38 -8.24
N ARG A 314 -0.71 -30.45 -8.81
CA ARG A 314 0.21 -29.65 -8.02
C ARG A 314 -0.57 -28.76 -7.07
N TYR A 315 -1.82 -28.49 -7.41
CA TYR A 315 -2.66 -27.63 -6.60
C TYR A 315 -3.69 -28.41 -5.77
N SER A 316 -3.90 -29.68 -6.11
CA SER A 316 -4.86 -30.50 -5.39
C SER A 316 -4.50 -30.70 -3.92
N VAL A 317 -5.53 -30.92 -3.10
CA VAL A 317 -5.39 -31.14 -1.66
C VAL A 317 -4.30 -30.28 -1.02
N SER B 13 20.55 -1.59 25.12
CA SER B 13 19.08 -1.43 25.05
C SER B 13 18.71 -0.25 24.14
N LEU B 14 17.47 0.22 24.25
CA LEU B 14 16.98 1.33 23.44
C LEU B 14 17.00 2.66 24.20
N GLU B 15 17.63 3.67 23.59
CA GLU B 15 17.76 4.99 24.18
C GLU B 15 16.83 6.02 23.54
N PRO B 16 15.95 6.62 24.36
CA PRO B 16 15.02 7.62 23.84
C PRO B 16 15.74 8.87 23.40
N PRO B 17 15.41 9.38 22.20
CA PRO B 17 16.05 10.59 21.66
C PRO B 17 15.64 11.82 22.47
N PRO B 18 16.41 12.92 22.36
CA PRO B 18 16.11 14.15 23.09
C PRO B 18 14.69 14.67 22.88
N SER B 19 14.08 15.10 23.96
CA SER B 19 12.73 15.63 23.93
C SER B 19 12.65 16.90 24.76
N THR B 20 11.88 17.87 24.28
CA THR B 20 11.69 19.12 25.01
C THR B 20 10.52 18.96 25.96
N PHE B 21 9.91 17.77 25.94
CA PHE B 21 8.76 17.47 26.79
C PHE B 21 9.20 16.67 28.02
N GLN B 22 8.45 16.80 29.10
CA GLN B 22 8.76 16.07 30.32
C GLN B 22 7.51 15.62 31.07
N PRO B 23 7.56 14.41 31.63
CA PRO B 23 6.44 13.84 32.39
C PRO B 23 6.22 14.54 33.71
N LEU B 24 4.96 14.68 34.08
CA LEU B 24 4.56 15.33 35.32
C LEU B 24 3.44 14.45 35.89
N CYS B 25 3.21 14.55 37.19
CA CYS B 25 2.15 13.77 37.82
C CYS B 25 1.27 14.74 38.57
N HIS B 26 0.02 14.36 38.80
CA HIS B 26 -0.90 15.22 39.51
C HIS B 26 -0.44 15.32 40.96
N PRO B 27 -0.38 16.55 41.51
CA PRO B 27 0.05 16.81 42.89
C PRO B 27 -0.55 15.90 43.96
N LEU B 28 -1.84 15.61 43.85
CA LEU B 28 -2.52 14.77 44.84
C LEU B 28 -2.43 13.27 44.55
N VAL B 29 -1.46 12.88 43.71
CA VAL B 29 -1.30 11.47 43.35
C VAL B 29 -1.37 10.48 44.51
N GLU B 30 -0.68 10.80 45.61
CA GLU B 30 -0.65 9.90 46.76
C GLU B 30 -1.98 9.80 47.49
N GLU B 31 -2.67 10.92 47.64
CA GLU B 31 -3.96 10.94 48.34
C GLU B 31 -5.05 10.24 47.55
N VAL B 32 -5.07 10.47 46.24
CA VAL B 32 -6.07 9.85 45.37
C VAL B 32 -5.79 8.36 45.24
N SER B 33 -4.53 8.02 45.04
CA SER B 33 -4.14 6.62 44.92
C SER B 33 -4.73 5.86 46.10
N LYS B 34 -4.53 6.38 47.30
CA LYS B 34 -5.05 5.74 48.51
C LYS B 34 -6.57 5.65 48.48
N GLU B 35 -7.23 6.78 48.22
CA GLU B 35 -8.68 6.83 48.16
C GLU B 35 -9.25 5.77 47.20
N VAL B 36 -9.13 6.06 45.90
CA VAL B 36 -9.62 5.16 44.86
C VAL B 36 -9.21 3.71 45.06
N ASP B 37 -7.92 3.45 45.29
CA ASP B 37 -7.47 2.09 45.50
C ASP B 37 -8.25 1.44 46.66
N GLY B 38 -8.48 2.21 47.71
CA GLY B 38 -9.20 1.70 48.87
C GLY B 38 -10.62 1.29 48.55
N TYR B 39 -11.32 2.15 47.81
CA TYR B 39 -12.69 1.90 47.40
C TYR B 39 -12.78 0.54 46.69
N PHE B 40 -12.06 0.38 45.60
CA PHE B 40 -12.08 -0.85 44.83
C PHE B 40 -11.65 -2.09 45.62
N LEU B 41 -10.68 -1.94 46.52
CA LEU B 41 -10.22 -3.06 47.31
C LEU B 41 -11.33 -3.64 48.20
N GLN B 42 -12.28 -2.81 48.56
CA GLN B 42 -13.37 -3.26 49.42
C GLN B 42 -14.66 -3.54 48.65
N HIS B 43 -14.79 -2.98 47.45
CA HIS B 43 -16.00 -3.17 46.65
C HIS B 43 -15.85 -4.16 45.50
N TRP B 44 -14.68 -4.17 44.88
CA TRP B 44 -14.43 -5.06 43.75
C TRP B 44 -14.20 -6.51 44.16
N ASN B 45 -14.91 -7.42 43.51
CA ASN B 45 -14.79 -8.84 43.80
C ASN B 45 -13.49 -9.41 43.25
N PHE B 46 -12.40 -9.22 44.00
CA PHE B 46 -11.10 -9.73 43.56
C PHE B 46 -11.02 -11.24 43.80
N PRO B 47 -10.33 -11.95 42.90
CA PRO B 47 -10.17 -13.40 43.03
C PRO B 47 -9.56 -13.76 44.39
N ASN B 48 -8.23 -13.83 44.44
CA ASN B 48 -7.53 -14.17 45.67
C ASN B 48 -6.71 -12.98 46.15
N GLU B 49 -5.85 -13.21 47.14
CA GLU B 49 -5.02 -12.15 47.68
C GLU B 49 -3.95 -11.70 46.70
N LYS B 50 -3.30 -12.66 46.03
CA LYS B 50 -2.26 -12.34 45.07
C LYS B 50 -2.80 -11.32 44.07
N ALA B 51 -4.12 -11.35 43.86
CA ALA B 51 -4.78 -10.44 42.92
C ALA B 51 -4.86 -9.03 43.50
N ARG B 52 -5.13 -8.92 44.80
CA ARG B 52 -5.22 -7.63 45.46
C ARG B 52 -3.85 -6.94 45.51
N LYS B 53 -2.79 -7.74 45.56
CA LYS B 53 -1.44 -7.18 45.60
C LYS B 53 -1.05 -6.76 44.19
N LYS B 54 -1.55 -7.49 43.20
CA LYS B 54 -1.27 -7.21 41.80
C LYS B 54 -2.00 -5.94 41.40
N PHE B 55 -3.16 -5.71 42.02
CA PHE B 55 -3.96 -4.52 41.75
C PHE B 55 -3.28 -3.27 42.29
N VAL B 56 -2.84 -3.32 43.53
CA VAL B 56 -2.17 -2.17 44.14
C VAL B 56 -0.87 -1.88 43.42
N ALA B 57 -0.15 -2.94 43.05
CA ALA B 57 1.11 -2.82 42.35
C ALA B 57 0.92 -2.11 41.00
N ALA B 58 -0.30 -2.20 40.47
CA ALA B 58 -0.63 -1.56 39.19
C ALA B 58 -0.76 -0.06 39.36
N GLY B 59 -1.34 0.36 40.48
CA GLY B 59 -1.52 1.79 40.74
C GLY B 59 -2.22 2.50 39.60
N PHE B 60 -3.42 2.04 39.25
CA PHE B 60 -4.18 2.64 38.17
C PHE B 60 -4.42 4.14 38.41
N SER B 61 -4.63 4.50 39.67
CA SER B 61 -4.87 5.89 40.03
C SER B 61 -3.63 6.75 39.74
N ARG B 62 -2.46 6.14 39.90
CA ARG B 62 -1.20 6.81 39.66
C ARG B 62 -0.96 6.95 38.17
N VAL B 63 -1.42 5.97 37.41
CA VAL B 63 -1.30 5.99 35.96
C VAL B 63 -2.07 7.19 35.45
N THR B 64 -3.28 7.34 35.97
CA THR B 64 -4.17 8.42 35.61
C THR B 64 -3.58 9.79 35.93
N CYS B 65 -2.90 9.89 37.07
CA CYS B 65 -2.31 11.15 37.47
C CYS B 65 -1.12 11.53 36.60
N LEU B 66 -0.52 10.52 35.98
CA LEU B 66 0.61 10.75 35.08
C LEU B 66 0.11 11.24 33.73
N TYR B 67 -1.14 10.89 33.39
CA TYR B 67 -1.74 11.30 32.12
C TYR B 67 -2.44 12.65 32.19
N PHE B 68 -3.05 12.94 33.34
CA PHE B 68 -3.77 14.19 33.53
C PHE B 68 -3.21 14.98 34.73
N PRO B 69 -1.94 15.38 34.66
CA PRO B 69 -1.30 16.13 35.75
C PRO B 69 -1.97 17.47 36.04
N LYS B 70 -2.45 18.12 34.99
CA LYS B 70 -3.10 19.43 35.13
C LYS B 70 -4.59 19.33 35.43
N ALA B 71 -5.02 18.19 35.96
CA ALA B 71 -6.43 18.00 36.29
C ALA B 71 -6.78 18.73 37.57
N LEU B 72 -7.99 19.29 37.65
CA LEU B 72 -8.44 20.00 38.83
C LEU B 72 -8.35 19.05 40.04
N ASP B 73 -8.04 19.60 41.21
CA ASP B 73 -7.90 18.78 42.42
C ASP B 73 -9.15 18.02 42.81
N ASP B 74 -10.32 18.62 42.57
CA ASP B 74 -11.56 17.96 42.95
C ASP B 74 -12.23 17.18 41.80
N ARG B 75 -11.44 16.80 40.79
CA ARG B 75 -11.98 16.06 39.66
C ARG B 75 -11.09 14.88 39.26
N ILE B 76 -9.80 15.01 39.53
CA ILE B 76 -8.83 13.98 39.20
C ILE B 76 -9.24 12.57 39.66
N HIS B 77 -9.94 12.46 40.79
CA HIS B 77 -10.33 11.16 41.30
C HIS B 77 -11.41 10.49 40.45
N PHE B 78 -12.26 11.28 39.82
CA PHE B 78 -13.30 10.74 38.94
C PHE B 78 -12.61 9.96 37.84
N ALA B 79 -11.62 10.61 37.23
CA ALA B 79 -10.84 10.01 36.15
C ALA B 79 -10.20 8.71 36.64
N CYS B 80 -9.57 8.76 37.81
CA CYS B 80 -8.91 7.59 38.38
C CYS B 80 -9.90 6.45 38.56
N ARG B 81 -11.12 6.78 38.98
CA ARG B 81 -12.14 5.76 39.18
C ARG B 81 -12.56 5.23 37.81
N LEU B 82 -12.81 6.14 36.88
CA LEU B 82 -13.25 5.76 35.54
C LEU B 82 -12.26 4.83 34.85
N LEU B 83 -11.01 5.25 34.80
CA LEU B 83 -9.98 4.42 34.17
C LEU B 83 -9.77 3.14 34.95
N THR B 84 -9.78 3.25 36.27
CA THR B 84 -9.59 2.07 37.13
C THR B 84 -10.57 0.95 36.75
N VAL B 85 -11.86 1.27 36.70
CA VAL B 85 -12.84 0.26 36.36
C VAL B 85 -12.69 -0.21 34.91
N LEU B 86 -12.34 0.71 34.01
CA LEU B 86 -12.16 0.35 32.60
C LEU B 86 -10.99 -0.63 32.46
N PHE B 87 -9.94 -0.43 33.26
CA PHE B 87 -8.78 -1.31 33.24
C PHE B 87 -9.18 -2.69 33.79
N LEU B 88 -9.99 -2.69 34.85
CA LEU B 88 -10.44 -3.92 35.46
C LEU B 88 -11.34 -4.67 34.49
N ILE B 89 -12.33 -3.98 33.96
CA ILE B 89 -13.25 -4.62 33.01
C ILE B 89 -12.48 -5.17 31.83
N ASP B 90 -11.44 -4.46 31.43
CA ASP B 90 -10.64 -4.90 30.29
C ASP B 90 -9.95 -6.22 30.59
N ASP B 91 -9.60 -6.43 31.86
CA ASP B 91 -8.94 -7.67 32.27
C ASP B 91 -9.96 -8.82 32.24
N LEU B 92 -11.16 -8.54 32.75
CA LEU B 92 -12.19 -9.55 32.74
C LEU B 92 -12.48 -9.98 31.31
N LEU B 93 -12.70 -9.01 30.43
CA LEU B 93 -13.00 -9.29 29.03
C LEU B 93 -12.01 -10.24 28.38
N GLU B 94 -10.78 -10.26 28.89
CA GLU B 94 -9.75 -11.13 28.37
C GLU B 94 -10.15 -12.60 28.46
N TYR B 95 -10.93 -12.94 29.48
CA TYR B 95 -11.37 -14.31 29.69
C TYR B 95 -12.80 -14.52 29.18
N MET B 96 -13.21 -13.69 28.23
CA MET B 96 -14.56 -13.79 27.67
C MET B 96 -14.51 -13.80 26.15
N SER B 97 -15.65 -14.13 25.55
CA SER B 97 -15.76 -14.18 24.10
C SER B 97 -16.44 -12.91 23.61
N PHE B 98 -16.14 -12.50 22.38
CA PHE B 98 -16.72 -11.30 21.81
C PHE B 98 -18.21 -11.18 22.12
N GLU B 99 -18.92 -12.30 22.05
CA GLU B 99 -20.35 -12.30 22.34
C GLU B 99 -20.60 -12.00 23.81
N GLU B 100 -19.82 -12.66 24.67
CA GLU B 100 -19.94 -12.46 26.11
C GLU B 100 -19.59 -11.03 26.50
N GLY B 101 -18.38 -10.61 26.17
CA GLY B 101 -17.93 -9.27 26.49
C GLY B 101 -18.84 -8.18 25.95
N SER B 102 -19.24 -8.32 24.69
CA SER B 102 -20.11 -7.34 24.07
C SER B 102 -21.39 -7.18 24.88
N ALA B 103 -21.96 -8.30 25.30
CA ALA B 103 -23.18 -8.29 26.10
C ALA B 103 -22.88 -7.72 27.48
N TYR B 104 -21.72 -8.08 28.02
CA TYR B 104 -21.30 -7.61 29.34
C TYR B 104 -21.31 -6.08 29.40
N ASN B 105 -20.53 -5.45 28.54
CA ASN B 105 -20.47 -3.99 28.53
C ASN B 105 -21.76 -3.32 28.07
N GLU B 106 -22.43 -3.89 27.08
CA GLU B 106 -23.66 -3.31 26.56
C GLU B 106 -24.69 -3.16 27.69
N LYS B 107 -24.53 -3.97 28.74
CA LYS B 107 -25.44 -3.93 29.87
C LYS B 107 -25.06 -2.76 30.79
N LEU B 108 -23.75 -2.59 30.99
CA LEU B 108 -23.25 -1.52 31.84
C LEU B 108 -23.46 -0.14 31.22
N ILE B 109 -23.81 -0.09 29.93
CA ILE B 109 -24.01 1.18 29.26
C ILE B 109 -25.27 1.90 29.73
N PRO B 110 -26.41 1.19 29.81
CA PRO B 110 -27.63 1.85 30.26
C PRO B 110 -27.50 2.23 31.75
N ILE B 111 -26.69 1.44 32.46
CA ILE B 111 -26.43 1.66 33.87
C ILE B 111 -25.54 2.89 34.05
N SER B 112 -24.71 3.16 33.03
CA SER B 112 -23.81 4.30 33.06
C SER B 112 -24.60 5.56 32.75
N ARG B 113 -25.55 5.45 31.83
CA ARG B 113 -26.38 6.58 31.47
C ARG B 113 -27.25 6.88 32.70
N GLY B 114 -27.47 5.85 33.51
CA GLY B 114 -28.29 5.99 34.69
C GLY B 114 -29.75 5.77 34.34
N ASP B 115 -29.99 5.04 33.27
CA ASP B 115 -31.34 4.73 32.81
C ASP B 115 -31.79 3.38 33.32
N VAL B 116 -30.89 2.70 34.03
CA VAL B 116 -31.20 1.39 34.59
C VAL B 116 -30.52 1.29 35.94
N LEU B 117 -31.29 0.98 36.98
CA LEU B 117 -30.74 0.86 38.31
C LEU B 117 -29.91 -0.42 38.39
N PRO B 118 -28.75 -0.37 39.05
CA PRO B 118 -27.87 -1.52 39.18
C PRO B 118 -28.33 -2.56 40.16
N ASP B 119 -27.87 -3.79 39.98
CA ASP B 119 -28.22 -4.85 40.90
C ASP B 119 -27.15 -4.74 41.98
N ARG B 120 -27.48 -4.03 43.06
CA ARG B 120 -26.56 -3.79 44.17
C ARG B 120 -25.77 -5.01 44.64
N SER B 121 -26.17 -6.21 44.20
CA SER B 121 -25.47 -7.43 44.59
C SER B 121 -24.26 -7.68 43.70
N ILE B 122 -24.22 -6.99 42.56
CA ILE B 122 -23.14 -7.12 41.60
C ILE B 122 -22.24 -5.88 41.69
N PRO B 123 -21.01 -6.06 42.17
CA PRO B 123 -20.07 -4.94 42.31
C PRO B 123 -20.02 -3.99 41.11
N VAL B 124 -19.47 -4.47 39.99
CA VAL B 124 -19.31 -3.67 38.80
C VAL B 124 -20.54 -2.86 38.39
N GLU B 125 -21.72 -3.40 38.62
CA GLU B 125 -22.94 -2.70 38.25
C GLU B 125 -23.24 -1.46 39.09
N TYR B 126 -23.02 -1.52 40.40
CA TYR B 126 -23.30 -0.35 41.22
C TYR B 126 -22.10 0.59 41.24
N ILE B 127 -20.90 0.05 41.04
CA ILE B 127 -19.72 0.89 41.01
C ILE B 127 -19.84 1.83 39.81
N ILE B 128 -20.33 1.30 38.70
CA ILE B 128 -20.52 2.08 37.48
C ILE B 128 -21.63 3.09 37.65
N TYR B 129 -22.81 2.61 38.06
CA TYR B 129 -23.96 3.49 38.28
C TYR B 129 -23.60 4.59 39.26
N ASP B 130 -22.86 4.25 40.32
CA ASP B 130 -22.45 5.22 41.32
C ASP B 130 -21.46 6.22 40.75
N LEU B 131 -20.46 5.72 40.03
CA LEU B 131 -19.44 6.59 39.45
C LEU B 131 -20.06 7.66 38.57
N TRP B 132 -20.96 7.27 37.67
CA TRP B 132 -21.60 8.21 36.78
C TRP B 132 -22.58 9.13 37.49
N GLU B 133 -23.28 8.60 38.49
CA GLU B 133 -24.22 9.43 39.25
C GLU B 133 -23.41 10.52 39.94
N SER B 134 -22.28 10.13 40.50
CA SER B 134 -21.38 11.05 41.19
C SER B 134 -20.90 12.14 40.23
N MET B 135 -20.51 11.73 39.03
CA MET B 135 -20.01 12.64 38.02
C MET B 135 -21.07 13.65 37.59
N ARG B 136 -22.29 13.19 37.37
CA ARG B 136 -23.36 14.10 36.95
C ARG B 136 -23.70 15.08 38.06
N ALA B 137 -23.37 14.72 39.28
CA ALA B 137 -23.63 15.58 40.44
C ALA B 137 -22.66 16.76 40.41
N HIS B 138 -21.41 16.47 40.09
CA HIS B 138 -20.36 17.49 40.04
C HIS B 138 -20.52 18.45 38.86
N ASP B 139 -20.91 17.92 37.71
CA ASP B 139 -21.10 18.74 36.51
C ASP B 139 -21.95 17.95 35.53
N ARG B 140 -23.26 18.08 35.66
CA ARG B 140 -24.19 17.39 34.78
C ARG B 140 -23.85 17.54 33.30
N GLU B 141 -23.71 18.80 32.87
CA GLU B 141 -23.41 19.12 31.48
C GLU B 141 -22.16 18.46 30.91
N MET B 142 -21.04 18.59 31.60
CA MET B 142 -19.80 17.99 31.14
C MET B 142 -19.78 16.48 31.33
N ALA B 143 -20.47 15.99 32.36
CA ALA B 143 -20.53 14.56 32.63
C ALA B 143 -21.20 13.86 31.45
N ASP B 144 -22.19 14.52 30.86
CA ASP B 144 -22.91 13.95 29.73
C ASP B 144 -22.02 13.93 28.49
N GLU B 145 -21.15 14.93 28.38
CA GLU B 145 -20.24 15.06 27.25
C GLU B 145 -19.31 13.86 27.05
N ILE B 146 -18.94 13.18 28.13
CA ILE B 146 -18.05 12.05 28.00
C ILE B 146 -18.75 10.70 27.93
N LEU B 147 -20.07 10.70 27.89
CA LEU B 147 -20.82 9.45 27.81
C LEU B 147 -20.53 8.73 26.50
N GLU B 148 -20.64 9.45 25.39
CA GLU B 148 -20.39 8.86 24.09
C GLU B 148 -18.96 8.35 23.94
N PRO B 149 -17.95 9.18 24.28
CA PRO B 149 -16.56 8.76 24.18
C PRO B 149 -16.28 7.48 24.93
N VAL B 150 -16.91 7.32 26.09
CA VAL B 150 -16.74 6.14 26.93
C VAL B 150 -17.37 4.88 26.33
N PHE B 151 -18.60 5.00 25.86
CA PHE B 151 -19.30 3.87 25.26
C PHE B 151 -18.58 3.43 23.99
N LEU B 152 -18.22 4.40 23.17
CA LEU B 152 -17.50 4.14 21.93
C LEU B 152 -16.29 3.26 22.25
N PHE B 153 -15.64 3.59 23.36
CA PHE B 153 -14.47 2.84 23.81
C PHE B 153 -14.87 1.44 24.26
N MET B 154 -15.83 1.40 25.19
CA MET B 154 -16.30 0.14 25.74
C MET B 154 -16.71 -0.86 24.67
N ARG B 155 -17.48 -0.40 23.69
CA ARG B 155 -17.91 -1.27 22.61
C ARG B 155 -16.69 -1.74 21.81
N ALA B 156 -15.69 -0.87 21.66
CA ALA B 156 -14.49 -1.23 20.91
C ALA B 156 -13.64 -2.29 21.62
N GLN B 157 -13.77 -2.40 22.93
CA GLN B 157 -13.02 -3.39 23.70
C GLN B 157 -13.32 -4.82 23.28
N THR B 158 -14.42 -5.03 22.57
CA THR B 158 -14.80 -6.37 22.12
C THR B 158 -15.00 -6.44 20.61
N ASP B 159 -14.45 -5.49 19.88
CA ASP B 159 -14.57 -5.47 18.42
C ASP B 159 -13.56 -6.38 17.75
N ARG B 160 -13.97 -7.01 16.65
CA ARG B 160 -13.09 -7.91 15.91
C ARG B 160 -12.27 -7.11 14.90
N THR B 161 -10.95 -7.25 15.00
CA THR B 161 -10.02 -6.56 14.12
C THR B 161 -9.94 -7.17 12.73
N ARG B 162 -10.18 -6.35 11.71
CA ARG B 162 -10.12 -6.84 10.34
C ARG B 162 -8.71 -6.65 9.81
N ALA B 163 -8.04 -7.75 9.48
CA ALA B 163 -6.68 -7.69 8.97
C ALA B 163 -6.64 -7.35 7.49
N ARG B 164 -5.80 -6.39 7.13
CA ARG B 164 -5.65 -5.99 5.74
C ARG B 164 -4.28 -5.33 5.58
N PRO B 165 -3.61 -5.58 4.44
CA PRO B 165 -2.30 -4.96 4.24
C PRO B 165 -2.35 -3.47 4.50
N MET B 166 -1.44 -2.99 5.35
CA MET B 166 -1.40 -1.59 5.70
C MET B 166 0.01 -1.03 5.70
N GLY B 167 0.23 0.05 4.96
CA GLY B 167 1.53 0.68 4.92
C GLY B 167 1.61 1.63 6.10
N LEU B 168 2.76 2.26 6.30
CA LEU B 168 2.92 3.17 7.40
C LEU B 168 1.82 4.26 7.38
N GLY B 169 1.62 4.88 6.23
CA GLY B 169 0.63 5.92 6.08
C GLY B 169 -0.76 5.52 6.52
N GLY B 170 -1.23 4.36 6.03
CA GLY B 170 -2.54 3.88 6.40
C GLY B 170 -2.64 3.62 7.88
N TYR B 171 -1.60 2.99 8.43
CA TYR B 171 -1.56 2.67 9.85
C TYR B 171 -1.69 3.92 10.71
N LEU B 172 -0.88 4.93 10.41
CA LEU B 172 -0.90 6.18 11.16
C LEU B 172 -2.22 6.91 11.06
N GLU B 173 -2.88 6.82 9.91
CA GLU B 173 -4.16 7.49 9.73
C GLU B 173 -5.19 6.75 10.58
N TYR B 174 -5.04 5.43 10.65
CA TYR B 174 -5.93 4.61 11.45
C TYR B 174 -5.79 4.99 12.94
N ARG B 175 -4.56 5.14 13.41
CA ARG B 175 -4.35 5.51 14.81
C ARG B 175 -4.83 6.92 15.14
N GLU B 176 -4.91 7.78 14.14
CA GLU B 176 -5.38 9.16 14.36
C GLU B 176 -6.82 9.15 14.86
N ARG B 177 -7.54 8.06 14.60
CA ARG B 177 -8.93 7.94 15.01
C ARG B 177 -9.08 6.96 16.16
N ASP B 178 -7.97 6.61 16.81
CA ASP B 178 -8.02 5.66 17.92
C ASP B 178 -9.01 6.14 18.97
N VAL B 179 -9.96 5.27 19.33
CA VAL B 179 -10.97 5.63 20.31
C VAL B 179 -10.42 5.68 21.74
N GLY B 180 -9.35 4.93 21.98
CA GLY B 180 -8.73 4.95 23.29
C GLY B 180 -8.13 6.31 23.55
N LYS B 181 -7.48 6.88 22.54
CA LYS B 181 -6.87 8.21 22.67
C LYS B 181 -7.96 9.29 22.66
N GLU B 182 -9.04 9.04 21.91
CA GLU B 182 -10.15 9.98 21.86
C GLU B 182 -10.76 10.03 23.26
N LEU B 183 -10.82 8.88 23.92
CA LEU B 183 -11.36 8.79 25.25
C LEU B 183 -10.50 9.60 26.22
N LEU B 184 -9.18 9.51 26.08
CA LEU B 184 -8.25 10.24 26.93
C LEU B 184 -8.37 11.75 26.78
N ALA B 185 -8.56 12.21 25.56
CA ALA B 185 -8.68 13.64 25.32
C ALA B 185 -10.00 14.18 25.90
N ALA B 186 -11.07 13.40 25.79
CA ALA B 186 -12.35 13.83 26.31
C ALA B 186 -12.39 13.72 27.83
N LEU B 187 -11.71 12.71 28.36
CA LEU B 187 -11.67 12.52 29.81
C LEU B 187 -10.82 13.64 30.40
N MET B 188 -9.72 13.98 29.72
CA MET B 188 -8.83 15.03 30.16
C MET B 188 -9.56 16.37 30.22
N ARG B 189 -10.39 16.64 29.24
CA ARG B 189 -11.14 17.90 29.21
C ARG B 189 -12.07 17.96 30.42
N PHE B 190 -12.62 16.83 30.81
CA PHE B 190 -13.53 16.75 31.95
C PHE B 190 -12.78 17.02 33.26
N SER B 191 -11.65 16.34 33.42
CA SER B 191 -10.82 16.48 34.61
C SER B 191 -10.28 17.90 34.76
N MET B 192 -10.31 18.67 33.67
CA MET B 192 -9.78 20.03 33.70
C MET B 192 -10.86 21.09 33.61
N GLY B 193 -12.11 20.64 33.59
CA GLY B 193 -13.22 21.58 33.52
C GLY B 193 -13.24 22.40 32.24
N LEU B 194 -12.54 21.92 31.22
CA LEU B 194 -12.48 22.64 29.95
C LEU B 194 -13.67 22.35 29.05
N LYS B 195 -14.63 23.27 28.99
CA LYS B 195 -15.79 23.10 28.13
C LYS B 195 -15.49 23.76 26.80
N LEU B 196 -14.70 23.12 25.94
CA LEU B 196 -14.38 23.70 24.64
C LEU B 196 -15.58 23.72 23.72
N SER B 197 -15.74 24.80 22.97
CA SER B 197 -16.86 24.95 22.04
C SER B 197 -16.58 24.18 20.76
N PRO B 198 -17.62 23.92 19.96
CA PRO B 198 -17.47 23.19 18.69
C PRO B 198 -16.41 23.80 17.79
N SER B 199 -16.39 25.13 17.73
CA SER B 199 -15.41 25.83 16.91
C SER B 199 -14.01 25.64 17.43
N GLU B 200 -13.86 25.62 18.75
CA GLU B 200 -12.54 25.46 19.35
C GLU B 200 -11.94 24.08 19.09
N LEU B 201 -12.78 23.05 19.10
CA LEU B 201 -12.31 21.69 18.85
C LEU B 201 -11.93 21.53 17.38
N GLN B 202 -12.79 21.99 16.48
CA GLN B 202 -12.51 21.92 15.05
C GLN B 202 -11.25 22.72 14.76
N ARG B 203 -10.88 23.57 15.72
CA ARG B 203 -9.72 24.43 15.62
C ARG B 203 -8.43 23.70 16.01
N VAL B 204 -8.55 22.61 16.77
CA VAL B 204 -7.38 21.85 17.20
C VAL B 204 -7.37 20.43 16.64
N ARG B 205 -8.18 20.21 15.59
CA ARG B 205 -8.28 18.91 14.95
C ARG B 205 -6.92 18.33 14.54
N GLU B 206 -6.08 19.14 13.90
CA GLU B 206 -4.77 18.68 13.48
C GLU B 206 -3.92 18.32 14.68
N ILE B 207 -4.02 19.15 15.72
CA ILE B 207 -3.25 18.94 16.93
C ILE B 207 -3.62 17.60 17.54
N ASP B 208 -4.92 17.32 17.63
CA ASP B 208 -5.39 16.06 18.18
C ASP B 208 -4.86 14.87 17.39
N ALA B 209 -4.99 14.94 16.07
CA ALA B 209 -4.53 13.85 15.20
C ALA B 209 -3.05 13.57 15.41
N ASN B 210 -2.27 14.64 15.46
CA ASN B 210 -0.83 14.53 15.65
C ASN B 210 -0.50 13.87 16.98
N CYS B 211 -1.18 14.30 18.03
CA CYS B 211 -0.97 13.78 19.37
C CYS B 211 -1.37 12.30 19.47
N SER B 212 -2.57 11.99 18.99
CA SER B 212 -3.06 10.61 19.04
C SER B 212 -2.08 9.67 18.37
N LYS B 213 -1.39 10.19 17.38
CA LYS B 213 -0.41 9.43 16.62
C LYS B 213 0.80 9.20 17.52
N HIS B 214 1.22 10.26 18.20
CA HIS B 214 2.36 10.19 19.08
C HIS B 214 2.16 9.11 20.16
N LEU B 215 1.04 9.22 20.87
CA LEU B 215 0.70 8.28 21.93
C LEU B 215 0.75 6.83 21.46
N SER B 216 0.14 6.56 20.31
CA SER B 216 0.07 5.21 19.76
C SER B 216 1.40 4.58 19.36
N VAL B 217 2.25 5.34 18.66
CA VAL B 217 3.55 4.83 18.23
C VAL B 217 4.43 4.54 19.44
N VAL B 218 4.34 5.40 20.44
CA VAL B 218 5.13 5.22 21.65
C VAL B 218 4.67 3.91 22.31
N ASN B 219 3.39 3.63 22.23
CA ASN B 219 2.88 2.38 22.80
C ASN B 219 3.43 1.23 21.98
N ASP B 220 3.41 1.38 20.65
CA ASP B 220 3.91 0.32 19.75
C ASP B 220 5.38 0.03 20.02
N ILE B 221 6.16 1.09 20.23
CA ILE B 221 7.58 0.92 20.49
C ILE B 221 7.84 0.02 21.70
N TYR B 222 7.16 0.27 22.80
CA TYR B 222 7.37 -0.52 24.00
C TYR B 222 6.50 -1.75 24.18
N SER B 223 5.45 -1.89 23.39
CA SER B 223 4.57 -3.05 23.50
C SER B 223 4.90 -4.13 22.47
N TYR B 224 5.87 -3.86 21.62
CA TYR B 224 6.25 -4.81 20.57
C TYR B 224 6.66 -6.19 21.09
N GLU B 225 7.67 -6.24 21.95
CA GLU B 225 8.15 -7.51 22.49
C GLU B 225 6.99 -8.34 23.03
N LYS B 226 6.01 -7.67 23.63
CA LYS B 226 4.84 -8.32 24.18
C LYS B 226 3.99 -8.97 23.09
N GLU B 227 3.53 -8.16 22.15
CA GLU B 227 2.70 -8.65 21.05
C GLU B 227 3.38 -9.73 20.21
N LEU B 228 4.69 -9.62 20.06
CA LEU B 228 5.45 -10.59 19.27
C LEU B 228 5.66 -11.86 20.09
N TYR B 229 4.56 -12.56 20.36
CA TYR B 229 4.59 -13.80 21.12
C TYR B 229 3.60 -14.75 20.46
N THR B 230 2.88 -14.21 19.47
CA THR B 230 1.88 -14.93 18.71
C THR B 230 2.02 -16.45 18.82
N SER B 231 1.37 -17.02 19.83
CA SER B 231 1.42 -18.46 20.07
C SER B 231 0.25 -19.17 19.39
N ILE B 240 -2.37 -11.49 13.36
CA ILE B 240 -3.17 -10.39 13.87
C ILE B 240 -2.29 -9.35 14.57
N LEU B 241 -1.07 -9.18 14.07
CA LEU B 241 -0.13 -8.21 14.64
C LEU B 241 -0.26 -6.91 13.84
N CYS B 242 -0.80 -5.89 14.50
CA CYS B 242 -1.00 -4.59 13.86
C CYS B 242 -0.23 -3.53 14.64
N THR B 243 1.00 -3.25 14.21
CA THR B 243 1.83 -2.25 14.87
C THR B 243 2.83 -1.57 13.94
N SER B 244 3.06 -0.28 14.20
CA SER B 244 4.00 0.51 13.39
C SER B 244 5.40 -0.09 13.37
N VAL B 245 5.81 -0.70 14.48
CA VAL B 245 7.13 -1.31 14.56
C VAL B 245 7.28 -2.37 13.47
N GLN B 246 6.29 -3.26 13.39
CA GLN B 246 6.29 -4.33 12.39
C GLN B 246 6.23 -3.76 10.98
N ILE B 247 5.34 -2.77 10.79
CA ILE B 247 5.16 -2.17 9.49
C ILE B 247 6.38 -1.40 9.00
N LEU B 248 7.01 -0.61 9.86
CA LEU B 248 8.16 0.14 9.42
C LEU B 248 9.37 -0.75 9.17
N ALA B 249 9.46 -1.86 9.90
CA ALA B 249 10.59 -2.78 9.74
C ALA B 249 10.54 -3.47 8.40
N GLN B 250 9.34 -3.92 8.00
CA GLN B 250 9.18 -4.61 6.73
C GLN B 250 9.29 -3.68 5.53
N GLU B 251 8.76 -2.46 5.65
CA GLU B 251 8.82 -1.52 4.53
C GLU B 251 10.22 -0.98 4.26
N ALA B 252 10.99 -0.79 5.31
CA ALA B 252 12.35 -0.27 5.18
C ALA B 252 13.33 -1.44 5.20
N ASP B 253 12.81 -2.61 5.53
CA ASP B 253 13.61 -3.83 5.61
C ASP B 253 14.78 -3.66 6.58
N VAL B 254 14.43 -3.53 7.86
CA VAL B 254 15.38 -3.40 8.94
C VAL B 254 14.82 -4.23 10.08
N THR B 255 15.55 -4.33 11.18
CA THR B 255 15.10 -5.11 12.32
C THR B 255 14.03 -4.31 13.06
N ALA B 256 13.32 -4.96 13.98
CA ALA B 256 12.29 -4.30 14.76
C ALA B 256 12.95 -3.21 15.61
N GLU B 257 14.12 -3.52 16.15
CA GLU B 257 14.85 -2.56 16.98
C GLU B 257 15.23 -1.34 16.15
N ALA B 258 15.67 -1.57 14.92
CA ALA B 258 16.05 -0.49 14.02
C ALA B 258 14.82 0.38 13.76
N ALA B 259 13.67 -0.27 13.61
CA ALA B 259 12.41 0.43 13.36
C ALA B 259 11.99 1.24 14.58
N LYS B 260 12.20 0.67 15.77
CA LYS B 260 11.82 1.37 17.00
C LYS B 260 12.53 2.72 17.09
N ARG B 261 13.84 2.72 16.83
CA ARG B 261 14.63 3.95 16.87
C ARG B 261 14.10 4.97 15.87
N VAL B 262 13.97 4.57 14.61
CA VAL B 262 13.47 5.45 13.58
C VAL B 262 12.11 6.02 14.00
N LEU B 263 11.24 5.15 14.48
CA LEU B 263 9.91 5.59 14.90
C LEU B 263 9.98 6.59 16.05
N PHE B 264 11.03 6.49 16.86
CA PHE B 264 11.18 7.40 17.99
C PHE B 264 11.55 8.80 17.53
N VAL B 265 12.40 8.90 16.51
CA VAL B 265 12.76 10.21 15.99
C VAL B 265 11.50 10.84 15.41
N MET B 266 10.74 10.03 14.67
CA MET B 266 9.50 10.48 14.06
C MET B 266 8.64 11.09 15.15
N CYS B 267 8.57 10.44 16.30
CA CYS B 267 7.77 10.96 17.41
C CYS B 267 8.26 12.35 17.85
N ARG B 268 9.57 12.55 17.91
CA ARG B 268 10.09 13.87 18.29
C ARG B 268 9.63 14.89 17.24
N GLU B 269 9.56 14.44 15.99
CA GLU B 269 9.11 15.32 14.91
C GLU B 269 7.66 15.69 15.14
N TRP B 270 6.91 14.82 15.81
CA TRP B 270 5.51 15.11 16.08
C TRP B 270 5.38 16.05 17.27
N GLU B 271 6.38 16.03 18.14
CA GLU B 271 6.40 16.93 19.29
C GLU B 271 6.69 18.32 18.76
N LEU B 272 7.66 18.42 17.85
CA LEU B 272 8.01 19.68 17.23
C LEU B 272 6.78 20.25 16.53
N ARG B 273 6.19 19.47 15.64
CA ARG B 273 5.01 19.90 14.89
C ARG B 273 3.89 20.35 15.82
N HIS B 274 3.84 19.76 17.00
CA HIS B 274 2.83 20.12 17.99
C HIS B 274 3.10 21.56 18.39
N GLN B 275 4.35 21.85 18.73
CA GLN B 275 4.75 23.20 19.12
C GLN B 275 4.51 24.20 17.99
N LEU B 276 4.71 23.76 16.75
CA LEU B 276 4.50 24.61 15.59
C LEU B 276 3.03 24.96 15.45
N LEU B 277 2.19 23.94 15.53
CA LEU B 277 0.75 24.13 15.41
C LEU B 277 0.22 25.00 16.55
N VAL B 278 0.79 24.85 17.74
CA VAL B 278 0.35 25.63 18.89
C VAL B 278 0.77 27.09 18.71
N ALA B 279 1.94 27.29 18.11
CA ALA B 279 2.44 28.64 17.87
C ALA B 279 1.59 29.29 16.79
N ARG B 280 1.24 28.53 15.77
CA ARG B 280 0.41 29.01 14.67
C ARG B 280 -0.97 29.37 15.16
N LEU B 281 -1.55 28.49 15.96
CA LEU B 281 -2.88 28.70 16.53
C LEU B 281 -2.98 30.03 17.26
N SER B 282 -1.90 30.38 17.97
CA SER B 282 -1.85 31.63 18.73
C SER B 282 -1.55 32.82 17.83
N ALA B 283 -0.62 32.65 16.90
CA ALA B 283 -0.23 33.72 15.99
C ALA B 283 -1.44 34.20 15.21
N GLU B 284 -2.44 33.33 15.06
CA GLU B 284 -3.65 33.68 14.33
C GLU B 284 -4.74 34.15 15.28
N GLY B 285 -4.35 34.47 16.51
CA GLY B 285 -5.30 34.94 17.51
C GLY B 285 -6.47 34.00 17.76
N LEU B 286 -6.21 32.70 17.66
CA LEU B 286 -7.26 31.72 17.88
C LEU B 286 -7.05 30.91 19.16
N GLU B 287 -6.01 31.24 19.91
CA GLU B 287 -5.73 30.50 21.14
C GLU B 287 -6.42 31.07 22.36
N THR B 288 -7.65 30.62 22.60
CA THR B 288 -8.40 31.08 23.76
C THR B 288 -7.76 30.42 24.99
N PRO B 289 -8.09 30.90 26.19
CA PRO B 289 -7.50 30.31 27.40
C PRO B 289 -7.69 28.80 27.48
N GLY B 290 -8.86 28.33 27.08
CA GLY B 290 -9.15 26.90 27.12
C GLY B 290 -8.24 26.07 26.23
N LEU B 291 -8.10 26.46 24.97
CA LEU B 291 -7.25 25.72 24.04
C LEU B 291 -5.83 25.73 24.54
N ALA B 292 -5.43 26.82 25.19
CA ALA B 292 -4.09 26.95 25.72
C ALA B 292 -3.87 25.84 26.74
N ALA B 293 -4.78 25.75 27.69
CA ALA B 293 -4.70 24.74 28.74
C ALA B 293 -4.86 23.34 28.14
N TYR B 294 -5.68 23.22 27.11
CA TYR B 294 -5.93 21.95 26.45
C TYR B 294 -4.70 21.39 25.75
N VAL B 295 -4.15 22.17 24.82
CA VAL B 295 -2.97 21.71 24.08
C VAL B 295 -1.81 21.44 25.01
N GLU B 296 -1.83 22.04 26.19
CA GLU B 296 -0.78 21.82 27.18
C GLU B 296 -1.03 20.43 27.78
N GLY B 297 -2.29 20.17 28.12
CA GLY B 297 -2.64 18.87 28.67
C GLY B 297 -2.18 17.78 27.72
N LEU B 298 -2.39 18.02 26.43
CA LEU B 298 -1.99 17.05 25.41
C LEU B 298 -0.48 16.81 25.44
N GLU B 299 0.28 17.88 25.65
CA GLU B 299 1.73 17.73 25.71
C GLU B 299 2.09 16.76 26.84
N TYR B 300 1.38 16.86 27.95
CA TYR B 300 1.64 15.96 29.08
C TYR B 300 1.15 14.54 28.86
N GLN B 301 0.14 14.35 28.03
CA GLN B 301 -0.34 13.00 27.74
C GLN B 301 0.79 12.33 26.96
N MET B 302 1.39 13.07 26.03
CA MET B 302 2.48 12.52 25.23
C MET B 302 3.68 12.14 26.08
N SER B 303 4.13 13.05 26.95
CA SER B 303 5.27 12.73 27.81
C SER B 303 4.87 11.70 28.86
N GLY B 304 3.64 11.80 29.35
CA GLY B 304 3.17 10.85 30.35
C GLY B 304 3.05 9.45 29.76
N ASN B 305 2.44 9.35 28.59
CA ASN B 305 2.26 8.08 27.90
C ASN B 305 3.62 7.40 27.69
N GLU B 306 4.65 8.19 27.46
CA GLU B 306 5.99 7.66 27.24
C GLU B 306 6.60 7.02 28.49
N LEU B 307 6.49 7.70 29.63
CA LEU B 307 7.06 7.16 30.86
C LEU B 307 6.28 5.89 31.21
N TRP B 308 4.96 5.97 31.05
CA TRP B 308 4.10 4.82 31.33
C TRP B 308 4.49 3.63 30.46
N SER B 309 4.59 3.85 29.15
CA SER B 309 4.96 2.78 28.23
C SER B 309 6.29 2.16 28.62
N GLN B 310 7.18 2.97 29.18
CA GLN B 310 8.49 2.49 29.59
C GLN B 310 8.47 1.70 30.89
N THR B 311 7.39 1.81 31.67
CA THR B 311 7.33 1.11 32.95
C THR B 311 6.19 0.12 33.18
N THR B 312 4.99 0.43 32.69
CA THR B 312 3.85 -0.45 32.90
C THR B 312 4.18 -1.92 32.73
N LEU B 313 3.56 -2.76 33.55
CA LEU B 313 3.79 -4.19 33.48
C LEU B 313 2.92 -4.84 32.41
N ARG B 314 1.97 -4.09 31.87
CA ARG B 314 1.10 -4.60 30.82
C ARG B 314 1.99 -4.99 29.63
N TYR B 315 3.07 -4.24 29.44
CA TYR B 315 3.98 -4.50 28.33
C TYR B 315 5.13 -5.41 28.74
N SER B 316 5.06 -5.94 29.95
CA SER B 316 6.10 -6.82 30.45
C SER B 316 5.88 -8.26 30.00
N VAL B 317 6.95 -8.89 29.50
CA VAL B 317 6.90 -10.25 29.02
C VAL B 317 6.52 -11.23 30.15
N SER C 13 20.89 24.69 8.54
CA SER C 13 19.97 23.86 7.72
C SER C 13 19.87 22.43 8.26
N LEU C 14 20.09 21.46 7.39
CA LEU C 14 20.03 20.05 7.79
C LEU C 14 21.38 19.53 8.26
N GLU C 15 21.39 18.96 9.46
CA GLU C 15 22.60 18.38 10.04
C GLU C 15 22.55 16.87 10.00
N PRO C 16 23.38 16.25 9.16
CA PRO C 16 23.42 14.79 8.99
C PRO C 16 23.76 14.05 10.28
N PRO C 17 22.99 13.00 10.60
CA PRO C 17 23.25 12.23 11.82
C PRO C 17 24.56 11.46 11.69
N PRO C 18 25.19 11.14 12.82
CA PRO C 18 26.47 10.41 12.88
C PRO C 18 26.57 9.13 12.04
N SER C 19 27.68 9.00 11.33
CA SER C 19 27.95 7.84 10.50
C SER C 19 29.36 7.35 10.75
N THR C 20 29.57 6.05 10.60
CA THR C 20 30.89 5.48 10.80
C THR C 20 31.56 5.31 9.45
N PHE C 21 30.85 5.71 8.40
CA PHE C 21 31.38 5.64 7.04
C PHE C 21 32.09 6.96 6.72
N GLN C 22 33.26 6.88 6.11
CA GLN C 22 34.01 8.08 5.76
C GLN C 22 34.33 8.05 4.27
N PRO C 23 34.13 9.19 3.59
CA PRO C 23 34.40 9.31 2.16
C PRO C 23 35.87 9.07 1.89
N LEU C 24 36.27 9.14 0.62
CA LEU C 24 37.64 8.90 0.23
C LEU C 24 37.73 9.22 -1.25
N CYS C 25 38.64 10.13 -1.63
CA CYS C 25 38.77 10.48 -3.04
C CYS C 25 39.95 9.72 -3.65
N HIS C 26 39.78 9.25 -4.88
CA HIS C 26 40.87 8.53 -5.53
C HIS C 26 42.06 9.46 -5.71
N PRO C 27 43.25 9.02 -5.29
CA PRO C 27 44.51 9.78 -5.37
C PRO C 27 44.75 10.50 -6.70
N LEU C 28 44.66 9.76 -7.80
CA LEU C 28 44.90 10.32 -9.13
C LEU C 28 43.81 11.28 -9.63
N VAL C 29 42.82 11.56 -8.79
CA VAL C 29 41.73 12.44 -9.21
C VAL C 29 42.17 13.66 -10.03
N GLU C 30 43.12 14.42 -9.50
CA GLU C 30 43.62 15.61 -10.18
C GLU C 30 44.19 15.35 -11.57
N GLU C 31 44.88 14.22 -11.73
CA GLU C 31 45.46 13.89 -13.02
C GLU C 31 44.38 13.39 -13.98
N VAL C 32 43.65 12.36 -13.56
CA VAL C 32 42.60 11.79 -14.40
C VAL C 32 41.63 12.90 -14.79
N SER C 33 41.62 13.96 -13.98
CA SER C 33 40.76 15.11 -14.25
C SER C 33 41.32 15.83 -15.47
N LYS C 34 42.54 16.35 -15.37
CA LYS C 34 43.20 17.03 -16.48
C LYS C 34 43.11 16.19 -17.76
N GLU C 35 43.37 14.89 -17.61
CA GLU C 35 43.33 13.97 -18.73
C GLU C 35 41.94 13.95 -19.35
N VAL C 36 41.07 13.12 -18.79
CA VAL C 36 39.70 12.97 -19.26
C VAL C 36 39.00 14.28 -19.61
N ASP C 37 39.10 15.27 -18.73
CA ASP C 37 38.46 16.56 -19.02
C ASP C 37 38.97 17.10 -20.35
N GLY C 38 40.26 16.93 -20.60
CA GLY C 38 40.86 17.41 -21.84
C GLY C 38 40.32 16.67 -23.05
N TYR C 39 40.33 15.35 -22.97
CA TYR C 39 39.83 14.50 -24.05
C TYR C 39 38.48 15.01 -24.56
N PHE C 40 37.60 15.38 -23.63
CA PHE C 40 36.27 15.88 -23.98
C PHE C 40 36.27 17.35 -24.38
N LEU C 41 37.27 18.10 -23.92
CA LEU C 41 37.35 19.52 -24.23
C LEU C 41 37.74 19.77 -25.68
N GLN C 42 38.11 18.72 -26.41
CA GLN C 42 38.49 18.86 -27.81
C GLN C 42 37.65 17.99 -28.73
N HIS C 43 37.24 16.82 -28.24
CA HIS C 43 36.43 15.90 -29.02
C HIS C 43 34.93 16.21 -28.95
N TRP C 44 34.41 16.33 -27.74
CA TRP C 44 32.99 16.62 -27.55
C TRP C 44 32.62 18.01 -28.05
N ASN C 45 31.47 18.09 -28.72
CA ASN C 45 30.99 19.34 -29.27
C ASN C 45 30.27 20.24 -28.27
N PHE C 46 30.98 21.25 -27.77
CA PHE C 46 30.39 22.19 -26.82
C PHE C 46 29.87 23.40 -27.57
N PRO C 47 28.71 23.93 -27.16
CA PRO C 47 28.13 25.10 -27.82
C PRO C 47 29.14 26.24 -27.90
N ASN C 48 29.28 26.98 -26.82
CA ASN C 48 30.22 28.10 -26.77
C ASN C 48 31.33 27.80 -25.78
N GLU C 49 31.73 28.80 -25.01
CA GLU C 49 32.79 28.63 -24.01
C GLU C 49 32.17 28.44 -22.63
N LYS C 50 31.04 29.08 -22.40
CA LYS C 50 30.35 28.98 -21.12
C LYS C 50 30.11 27.50 -20.83
N ALA C 51 29.79 26.75 -21.88
CA ALA C 51 29.54 25.31 -21.74
C ALA C 51 30.77 24.61 -21.20
N ARG C 52 31.93 24.95 -21.73
CA ARG C 52 33.19 24.36 -21.30
C ARG C 52 33.47 24.71 -19.84
N LYS C 53 33.43 25.99 -19.51
CA LYS C 53 33.68 26.44 -18.14
C LYS C 53 32.84 25.62 -17.16
N LYS C 54 31.52 25.67 -17.33
CA LYS C 54 30.62 24.92 -16.47
C LYS C 54 31.05 23.47 -16.38
N PHE C 55 31.35 22.89 -17.54
CA PHE C 55 31.79 21.50 -17.62
C PHE C 55 32.94 21.22 -16.67
N VAL C 56 33.94 22.09 -16.70
CA VAL C 56 35.11 21.96 -15.84
C VAL C 56 34.67 21.93 -14.38
N ALA C 57 33.85 22.90 -14.01
CA ALA C 57 33.36 23.01 -12.64
C ALA C 57 32.64 21.74 -12.19
N ALA C 58 31.82 21.18 -13.08
CA ALA C 58 31.07 19.97 -12.77
C ALA C 58 32.00 18.85 -12.33
N GLY C 59 33.24 18.90 -12.81
CA GLY C 59 34.23 17.91 -12.46
C GLY C 59 33.68 16.49 -12.38
N PHE C 60 33.32 15.94 -13.53
CA PHE C 60 32.76 14.60 -13.57
C PHE C 60 33.75 13.54 -13.12
N SER C 61 35.03 13.73 -13.44
CA SER C 61 36.04 12.76 -13.03
C SER C 61 36.21 12.83 -11.51
N ARG C 62 36.06 14.03 -10.96
CA ARG C 62 36.17 14.21 -9.53
C ARG C 62 35.01 13.44 -8.92
N VAL C 63 33.83 13.63 -9.49
CA VAL C 63 32.62 12.95 -9.04
C VAL C 63 32.83 11.44 -9.07
N THR C 64 33.47 10.96 -10.13
CA THR C 64 33.73 9.53 -10.30
C THR C 64 34.76 9.05 -9.29
N CYS C 65 35.76 9.88 -9.02
CA CYS C 65 36.81 9.53 -8.06
C CYS C 65 36.27 9.44 -6.65
N LEU C 66 35.15 10.11 -6.40
CA LEU C 66 34.53 10.10 -5.08
C LEU C 66 33.72 8.81 -4.90
N TYR C 67 33.21 8.27 -6.00
CA TYR C 67 32.42 7.04 -5.94
C TYR C 67 33.28 5.78 -6.03
N PHE C 68 34.40 5.86 -6.74
CA PHE C 68 35.28 4.71 -6.92
C PHE C 68 36.70 5.00 -6.42
N PRO C 69 36.86 5.23 -5.11
CA PRO C 69 38.17 5.52 -4.52
C PRO C 69 39.20 4.38 -4.63
N LYS C 70 38.75 3.15 -4.42
CA LYS C 70 39.62 1.98 -4.50
C LYS C 70 39.81 1.46 -5.92
N ALA C 71 39.51 2.28 -6.91
CA ALA C 71 39.64 1.87 -8.31
C ALA C 71 41.09 1.76 -8.76
N LEU C 72 41.43 0.66 -9.44
CA LEU C 72 42.78 0.43 -9.93
C LEU C 72 43.33 1.64 -10.68
N ASP C 73 44.50 2.09 -10.28
CA ASP C 73 45.14 3.26 -10.88
C ASP C 73 45.11 3.26 -12.42
N ASP C 74 45.10 2.08 -13.02
CA ASP C 74 45.09 2.01 -14.48
C ASP C 74 43.72 1.56 -15.00
N ARG C 75 42.67 2.16 -14.43
CA ARG C 75 41.29 1.85 -14.83
C ARG C 75 40.33 2.96 -14.40
N ILE C 76 40.78 3.82 -13.48
CA ILE C 76 39.95 4.90 -12.99
C ILE C 76 39.51 5.86 -14.10
N HIS C 77 40.36 6.04 -15.12
CA HIS C 77 40.02 6.95 -16.20
C HIS C 77 38.87 6.41 -17.04
N PHE C 78 38.82 5.09 -17.21
CA PHE C 78 37.75 4.45 -17.98
C PHE C 78 36.43 4.93 -17.39
N ALA C 79 36.23 4.63 -16.11
CA ALA C 79 35.01 5.02 -15.42
C ALA C 79 34.73 6.50 -15.61
N CYS C 80 35.71 7.35 -15.32
CA CYS C 80 35.54 8.79 -15.48
C CYS C 80 35.00 9.09 -16.86
N ARG C 81 35.43 8.31 -17.84
CA ARG C 81 35.00 8.50 -19.21
C ARG C 81 33.55 8.05 -19.37
N LEU C 82 33.27 6.81 -18.98
CA LEU C 82 31.93 6.27 -19.10
C LEU C 82 30.88 7.19 -18.47
N LEU C 83 31.14 7.70 -17.27
CA LEU C 83 30.18 8.58 -16.60
C LEU C 83 30.15 10.00 -17.14
N THR C 84 31.26 10.48 -17.69
CA THR C 84 31.28 11.84 -18.22
C THR C 84 30.40 11.90 -19.47
N VAL C 85 30.46 10.85 -20.29
CA VAL C 85 29.67 10.81 -21.51
C VAL C 85 28.18 10.62 -21.19
N LEU C 86 27.90 9.77 -20.20
CA LEU C 86 26.53 9.53 -19.80
C LEU C 86 25.95 10.80 -19.19
N PHE C 87 26.76 11.47 -18.36
CA PHE C 87 26.32 12.72 -17.74
C PHE C 87 26.05 13.72 -18.85
N LEU C 88 26.89 13.69 -19.87
CA LEU C 88 26.77 14.58 -21.01
C LEU C 88 25.53 14.24 -21.83
N ILE C 89 25.39 12.98 -22.19
CA ILE C 89 24.24 12.51 -22.96
C ILE C 89 22.96 12.86 -22.22
N ASP C 90 22.87 12.40 -20.99
CA ASP C 90 21.71 12.65 -20.14
C ASP C 90 21.26 14.11 -20.24
N ASP C 91 22.23 15.03 -20.24
CA ASP C 91 21.93 16.45 -20.32
C ASP C 91 21.28 16.81 -21.66
N LEU C 92 21.70 16.15 -22.73
CA LEU C 92 21.16 16.42 -24.05
C LEU C 92 19.72 15.92 -24.14
N LEU C 93 19.42 14.82 -23.45
CA LEU C 93 18.08 14.25 -23.48
C LEU C 93 17.03 15.23 -22.93
N GLU C 94 17.48 16.18 -22.10
CA GLU C 94 16.57 17.17 -21.53
C GLU C 94 15.95 18.05 -22.61
N TYR C 95 16.45 17.93 -23.83
CA TYR C 95 15.96 18.72 -24.95
C TYR C 95 15.36 17.83 -26.04
N MET C 96 15.45 16.52 -25.85
CA MET C 96 14.91 15.56 -26.81
C MET C 96 13.61 14.97 -26.28
N SER C 97 12.93 14.20 -27.13
CA SER C 97 11.67 13.56 -26.74
C SER C 97 11.90 12.08 -26.48
N PHE C 98 10.87 11.38 -25.98
CA PHE C 98 10.99 9.95 -25.69
C PHE C 98 11.31 9.11 -26.92
N GLU C 99 10.87 9.57 -28.10
CA GLU C 99 11.14 8.83 -29.33
C GLU C 99 12.55 9.14 -29.80
N GLU C 100 12.90 10.42 -29.77
CA GLU C 100 14.22 10.89 -30.19
C GLU C 100 15.32 10.31 -29.30
N GLY C 101 15.17 10.50 -28.00
CA GLY C 101 16.15 10.01 -27.05
C GLY C 101 16.32 8.50 -27.04
N SER C 102 15.22 7.76 -27.06
CA SER C 102 15.29 6.30 -27.05
C SER C 102 16.13 5.77 -28.21
N ALA C 103 15.99 6.41 -29.37
CA ALA C 103 16.72 6.00 -30.56
C ALA C 103 18.18 6.45 -30.47
N TYR C 104 18.37 7.68 -30.00
CA TYR C 104 19.71 8.25 -29.85
C TYR C 104 20.64 7.21 -29.24
N ASN C 105 20.31 6.77 -28.03
CA ASN C 105 21.10 5.78 -27.31
C ASN C 105 20.98 4.39 -27.94
N GLU C 106 19.79 4.07 -28.42
CA GLU C 106 19.55 2.77 -29.03
C GLU C 106 20.53 2.55 -30.19
N LYS C 107 20.91 3.66 -30.83
CA LYS C 107 21.85 3.62 -31.96
C LYS C 107 23.27 3.37 -31.46
N LEU C 108 23.62 3.99 -30.34
CA LEU C 108 24.93 3.87 -29.74
C LEU C 108 25.20 2.50 -29.11
N ILE C 109 24.13 1.80 -28.73
CA ILE C 109 24.30 0.48 -28.11
C ILE C 109 25.08 -0.52 -28.96
N PRO C 110 24.67 -0.70 -30.23
CA PRO C 110 25.41 -1.64 -31.07
C PRO C 110 26.88 -1.25 -31.19
N ILE C 111 27.12 -0.01 -31.61
CA ILE C 111 28.48 0.50 -31.77
C ILE C 111 29.31 0.26 -30.52
N SER C 112 28.66 0.33 -29.35
CA SER C 112 29.33 0.11 -28.08
C SER C 112 29.82 -1.32 -27.99
N ARG C 113 29.00 -2.25 -28.49
CA ARG C 113 29.35 -3.67 -28.48
C ARG C 113 30.46 -3.91 -29.50
N GLY C 114 30.66 -2.93 -30.38
CA GLY C 114 31.69 -3.05 -31.41
C GLY C 114 31.17 -3.63 -32.71
N ASP C 115 29.94 -4.15 -32.68
CA ASP C 115 29.31 -4.77 -33.84
C ASP C 115 29.01 -3.77 -34.96
N VAL C 116 29.05 -2.48 -34.63
CA VAL C 116 28.80 -1.43 -35.60
C VAL C 116 29.98 -0.47 -35.57
N LEU C 117 30.08 0.38 -36.57
CA LEU C 117 31.18 1.35 -36.64
C LEU C 117 30.71 2.75 -36.27
N PRO C 118 31.61 3.57 -35.71
CA PRO C 118 31.31 4.93 -35.31
C PRO C 118 31.59 5.98 -36.39
N ASP C 119 30.55 6.63 -36.88
CA ASP C 119 30.74 7.67 -37.90
C ASP C 119 31.69 8.69 -37.28
N ARG C 120 32.93 8.68 -37.75
CA ARG C 120 33.96 9.58 -37.24
C ARG C 120 33.61 11.06 -37.19
N SER C 121 32.65 11.48 -38.00
CA SER C 121 32.25 12.89 -38.01
C SER C 121 31.40 13.18 -36.78
N ILE C 122 30.82 12.13 -36.21
CA ILE C 122 29.96 12.24 -35.04
C ILE C 122 30.73 12.00 -33.73
N PRO C 123 31.04 13.08 -33.00
CA PRO C 123 31.78 12.97 -31.74
C PRO C 123 31.34 11.79 -30.88
N VAL C 124 30.20 11.95 -30.22
CA VAL C 124 29.65 10.93 -29.34
C VAL C 124 29.78 9.48 -29.83
N GLU C 125 29.69 9.25 -31.14
CA GLU C 125 29.77 7.89 -31.67
C GLU C 125 31.14 7.21 -31.61
N TYR C 126 32.19 7.90 -32.05
CA TYR C 126 33.51 7.28 -32.01
C TYR C 126 34.06 7.29 -30.59
N ILE C 127 33.65 8.27 -29.79
CA ILE C 127 34.09 8.36 -28.41
C ILE C 127 33.61 7.11 -27.67
N ILE C 128 32.35 6.74 -27.92
CA ILE C 128 31.77 5.56 -27.29
C ILE C 128 32.46 4.31 -27.84
N TYR C 129 32.72 4.32 -29.14
CA TYR C 129 33.39 3.19 -29.79
C TYR C 129 34.81 3.07 -29.23
N ASP C 130 35.57 4.15 -29.37
CA ASP C 130 36.95 4.19 -28.87
C ASP C 130 36.97 3.81 -27.40
N LEU C 131 36.04 4.38 -26.65
CA LEU C 131 35.93 4.11 -25.22
C LEU C 131 35.87 2.62 -24.95
N TRP C 132 34.95 1.94 -25.62
CA TRP C 132 34.80 0.50 -25.42
C TRP C 132 35.94 -0.33 -25.99
N GLU C 133 36.31 -0.07 -27.24
CA GLU C 133 37.41 -0.83 -27.82
C GLU C 133 38.55 -0.79 -26.81
N SER C 134 38.77 0.39 -26.23
CA SER C 134 39.81 0.58 -25.24
C SER C 134 39.62 -0.36 -24.06
N MET C 135 38.41 -0.38 -23.54
CA MET C 135 38.08 -1.23 -22.40
C MET C 135 38.27 -2.72 -22.66
N ARG C 136 37.72 -3.23 -23.76
CA ARG C 136 37.88 -4.65 -24.07
C ARG C 136 39.37 -4.91 -24.28
N ALA C 137 40.09 -3.86 -24.68
CA ALA C 137 41.53 -3.95 -24.92
C ALA C 137 42.25 -4.21 -23.59
N HIS C 138 41.86 -3.48 -22.56
CA HIS C 138 42.47 -3.63 -21.25
C HIS C 138 42.00 -4.93 -20.60
N ASP C 139 40.70 -5.19 -20.67
CA ASP C 139 40.14 -6.40 -20.09
C ASP C 139 38.87 -6.88 -20.80
N ARG C 140 39.06 -7.46 -21.99
CA ARG C 140 37.96 -7.97 -22.81
C ARG C 140 36.89 -8.64 -21.94
N GLU C 141 37.32 -9.62 -21.15
CA GLU C 141 36.44 -10.37 -20.29
C GLU C 141 35.49 -9.51 -19.44
N MET C 142 36.06 -8.51 -18.75
CA MET C 142 35.27 -7.63 -17.90
C MET C 142 34.62 -6.45 -18.62
N ALA C 143 35.22 -6.03 -19.73
CA ALA C 143 34.67 -4.92 -20.50
C ALA C 143 33.31 -5.32 -21.05
N ASP C 144 33.08 -6.63 -21.15
CA ASP C 144 31.82 -7.15 -21.65
C ASP C 144 30.82 -7.26 -20.49
N GLU C 145 31.30 -7.74 -19.35
CA GLU C 145 30.47 -7.89 -18.17
C GLU C 145 29.60 -6.67 -17.92
N ILE C 146 30.12 -5.49 -18.27
CA ILE C 146 29.37 -4.26 -18.07
C ILE C 146 28.74 -3.72 -19.35
N LEU C 147 28.40 -4.62 -20.27
CA LEU C 147 27.75 -4.20 -21.51
C LEU C 147 26.26 -4.03 -21.24
N GLU C 148 25.61 -5.11 -20.81
CA GLU C 148 24.19 -5.06 -20.51
C GLU C 148 23.90 -4.00 -19.44
N PRO C 149 24.61 -4.08 -18.30
CA PRO C 149 24.40 -3.10 -17.23
C PRO C 149 24.34 -1.68 -17.77
N VAL C 150 25.23 -1.35 -18.69
CA VAL C 150 25.25 -0.02 -19.27
C VAL C 150 24.04 0.19 -20.16
N PHE C 151 23.73 -0.79 -21.00
CA PHE C 151 22.61 -0.69 -21.90
C PHE C 151 21.28 -0.58 -21.16
N LEU C 152 20.97 -1.59 -20.35
CA LEU C 152 19.74 -1.59 -19.56
C LEU C 152 19.56 -0.21 -18.96
N PHE C 153 20.68 0.40 -18.60
CA PHE C 153 20.68 1.73 -18.00
C PHE C 153 20.39 2.83 -19.01
N MET C 154 21.08 2.80 -20.14
CA MET C 154 20.90 3.81 -21.18
C MET C 154 19.46 3.88 -21.67
N ARG C 155 18.84 2.72 -21.85
CA ARG C 155 17.46 2.67 -22.30
C ARG C 155 16.55 3.26 -21.23
N ALA C 156 16.93 3.09 -19.97
CA ALA C 156 16.15 3.60 -18.85
C ALA C 156 16.12 5.12 -18.84
N GLN C 157 17.13 5.75 -19.44
CA GLN C 157 17.22 7.20 -19.50
C GLN C 157 16.10 7.86 -20.31
N THR C 158 15.28 7.05 -20.98
CA THR C 158 14.21 7.59 -21.79
C THR C 158 12.83 6.98 -21.57
N ASP C 159 12.67 6.22 -20.50
CA ASP C 159 11.39 5.58 -20.21
C ASP C 159 10.38 6.58 -19.62
N ARG C 160 9.10 6.19 -19.64
CA ARG C 160 8.05 7.03 -19.11
C ARG C 160 7.53 6.46 -17.79
N THR C 161 7.54 7.29 -16.75
CA THR C 161 7.07 6.87 -15.44
C THR C 161 5.64 6.36 -15.55
N ARG C 162 5.32 5.28 -14.84
CA ARG C 162 3.98 4.72 -14.91
C ARG C 162 3.04 5.39 -13.90
N ALA C 163 1.74 5.19 -14.11
CA ALA C 163 0.72 5.80 -13.28
C ALA C 163 0.19 4.97 -12.11
N ARG C 164 0.97 4.85 -11.05
CA ARG C 164 0.52 4.12 -9.87
C ARG C 164 1.13 4.73 -8.62
N PRO C 165 0.27 5.15 -7.67
CA PRO C 165 0.75 5.76 -6.43
C PRO C 165 1.52 4.73 -5.62
N MET C 166 2.67 5.14 -5.10
CA MET C 166 3.51 4.25 -4.33
C MET C 166 3.64 4.71 -2.90
N GLY C 167 3.60 3.75 -1.97
CA GLY C 167 3.76 4.08 -0.57
C GLY C 167 5.25 4.00 -0.29
N LEU C 168 5.64 4.27 0.95
CA LEU C 168 7.05 4.23 1.35
C LEU C 168 7.67 2.89 0.96
N GLY C 169 7.06 1.80 1.42
CA GLY C 169 7.55 0.47 1.12
C GLY C 169 7.72 0.21 -0.37
N GLY C 170 6.71 0.55 -1.15
CA GLY C 170 6.78 0.32 -2.59
C GLY C 170 7.91 1.13 -3.23
N TYR C 171 8.04 2.38 -2.82
CA TYR C 171 9.07 3.25 -3.33
C TYR C 171 10.48 2.74 -2.97
N LEU C 172 10.64 2.25 -1.76
CA LEU C 172 11.94 1.75 -1.32
C LEU C 172 12.34 0.48 -2.07
N GLU C 173 11.43 -0.48 -2.16
CA GLU C 173 11.71 -1.72 -2.86
C GLU C 173 12.05 -1.37 -4.30
N TYR C 174 11.35 -0.37 -4.83
CA TYR C 174 11.57 0.07 -6.18
C TYR C 174 12.99 0.63 -6.34
N ARG C 175 13.45 1.37 -5.33
CA ARG C 175 14.79 1.93 -5.39
C ARG C 175 15.87 0.87 -5.21
N GLU C 176 15.49 -0.30 -4.71
CA GLU C 176 16.44 -1.40 -4.52
C GLU C 176 16.86 -1.97 -5.86
N ARG C 177 16.08 -1.67 -6.90
CA ARG C 177 16.36 -2.15 -8.24
C ARG C 177 16.88 -1.06 -9.17
N ASP C 178 16.96 0.17 -8.68
CA ASP C 178 17.42 1.29 -9.47
C ASP C 178 18.51 0.90 -10.47
N VAL C 179 18.25 1.11 -11.76
CA VAL C 179 19.22 0.76 -12.80
C VAL C 179 20.54 1.51 -12.65
N GLY C 180 20.46 2.77 -12.22
CA GLY C 180 21.64 3.59 -12.04
C GLY C 180 22.60 3.04 -11.00
N LYS C 181 22.10 2.81 -9.80
CA LYS C 181 22.93 2.29 -8.72
C LYS C 181 23.44 0.91 -9.10
N GLU C 182 22.78 0.27 -10.07
CA GLU C 182 23.21 -1.05 -10.52
C GLU C 182 24.42 -0.83 -11.41
N LEU C 183 24.35 0.22 -12.23
CA LEU C 183 25.44 0.56 -13.13
C LEU C 183 26.68 0.88 -12.30
N LEU C 184 26.49 1.66 -11.23
CA LEU C 184 27.61 2.02 -10.36
C LEU C 184 28.34 0.79 -9.84
N ALA C 185 27.61 -0.11 -9.19
CA ALA C 185 28.20 -1.31 -8.64
C ALA C 185 29.01 -2.08 -9.69
N ALA C 186 28.44 -2.23 -10.88
CA ALA C 186 29.11 -2.94 -11.96
C ALA C 186 30.35 -2.18 -12.43
N LEU C 187 30.20 -0.87 -12.64
CA LEU C 187 31.32 -0.03 -13.08
C LEU C 187 32.42 -0.02 -12.05
N MET C 188 32.06 -0.25 -10.79
CA MET C 188 33.04 -0.28 -9.72
C MET C 188 33.79 -1.60 -9.77
N ARG C 189 33.05 -2.70 -9.93
CA ARG C 189 33.67 -4.01 -10.02
C ARG C 189 34.72 -4.01 -11.12
N PHE C 190 34.41 -3.30 -12.20
CA PHE C 190 35.31 -3.20 -13.34
C PHE C 190 36.53 -2.34 -13.00
N SER C 191 36.29 -1.22 -12.35
CA SER C 191 37.36 -0.31 -11.97
C SER C 191 38.29 -0.92 -10.93
N MET C 192 37.84 -2.01 -10.30
CA MET C 192 38.62 -2.65 -9.25
C MET C 192 39.07 -4.06 -9.62
N GLY C 193 38.93 -4.41 -10.90
CA GLY C 193 39.33 -5.73 -11.35
C GLY C 193 38.82 -6.84 -10.45
N LEU C 194 37.54 -6.78 -10.11
CA LEU C 194 36.93 -7.79 -9.25
C LEU C 194 36.00 -8.68 -10.06
N LYS C 195 36.50 -9.84 -10.47
CA LYS C 195 35.70 -10.78 -11.24
C LYS C 195 34.93 -11.71 -10.30
N LEU C 196 33.79 -11.25 -9.82
CA LEU C 196 32.98 -12.05 -8.90
C LEU C 196 32.24 -13.15 -9.65
N SER C 197 32.14 -14.31 -9.03
CA SER C 197 31.44 -15.44 -9.62
C SER C 197 29.96 -15.33 -9.27
N PRO C 198 29.08 -15.91 -10.10
CA PRO C 198 27.65 -15.87 -9.85
C PRO C 198 27.27 -16.25 -8.42
N SER C 199 27.87 -17.31 -7.91
CA SER C 199 27.59 -17.80 -6.56
C SER C 199 27.92 -16.76 -5.48
N GLU C 200 28.83 -15.85 -5.82
CA GLU C 200 29.25 -14.82 -4.87
C GLU C 200 28.29 -13.64 -4.89
N LEU C 201 28.05 -13.09 -6.07
CA LEU C 201 27.15 -11.94 -6.22
C LEU C 201 25.83 -12.18 -5.50
N GLN C 202 25.21 -13.34 -5.73
CA GLN C 202 23.95 -13.66 -5.07
C GLN C 202 24.10 -13.62 -3.56
N ARG C 203 25.26 -14.07 -3.10
CA ARG C 203 25.54 -14.10 -1.66
C ARG C 203 25.53 -12.71 -1.07
N VAL C 204 25.60 -11.68 -1.92
CA VAL C 204 25.59 -10.29 -1.45
C VAL C 204 24.40 -9.52 -2.01
N ARG C 205 23.36 -10.26 -2.40
CA ARG C 205 22.14 -9.70 -2.97
C ARG C 205 21.48 -8.66 -2.06
N GLU C 206 21.29 -9.01 -0.80
CA GLU C 206 20.69 -8.09 0.16
C GLU C 206 21.57 -6.87 0.32
N ILE C 207 22.87 -7.09 0.28
CA ILE C 207 23.85 -6.02 0.43
C ILE C 207 23.74 -5.00 -0.71
N ASP C 208 23.43 -5.48 -1.91
CA ASP C 208 23.28 -4.59 -3.05
C ASP C 208 22.01 -3.76 -2.95
N ALA C 209 20.92 -4.39 -2.52
CA ALA C 209 19.64 -3.70 -2.38
C ALA C 209 19.71 -2.64 -1.29
N ASN C 210 20.16 -3.04 -0.11
CA ASN C 210 20.29 -2.12 1.02
C ASN C 210 21.12 -0.90 0.62
N CYS C 211 22.16 -1.12 -0.17
CA CYS C 211 23.04 -0.05 -0.63
C CYS C 211 22.35 0.88 -1.64
N SER C 212 21.74 0.27 -2.66
CA SER C 212 21.05 1.03 -3.70
C SER C 212 19.98 1.90 -3.07
N LYS C 213 19.30 1.34 -2.08
CA LYS C 213 18.26 2.04 -1.35
C LYS C 213 18.88 3.21 -0.63
N HIS C 214 20.02 2.97 0.00
CA HIS C 214 20.73 4.00 0.74
C HIS C 214 21.15 5.17 -0.16
N LEU C 215 21.72 4.85 -1.31
CA LEU C 215 22.16 5.88 -2.25
C LEU C 215 20.98 6.72 -2.75
N SER C 216 19.86 6.07 -3.05
CA SER C 216 18.69 6.77 -3.55
C SER C 216 18.05 7.75 -2.56
N VAL C 217 17.91 7.34 -1.30
CA VAL C 217 17.29 8.23 -0.30
C VAL C 217 18.17 9.45 -0.05
N VAL C 218 19.48 9.23 0.07
CA VAL C 218 20.39 10.35 0.30
C VAL C 218 20.21 11.34 -0.85
N ASN C 219 20.08 10.79 -2.05
CA ASN C 219 19.88 11.62 -3.23
C ASN C 219 18.57 12.40 -3.06
N ASP C 220 17.49 11.70 -2.70
CA ASP C 220 16.19 12.35 -2.51
C ASP C 220 16.27 13.50 -1.54
N ILE C 221 16.88 13.24 -0.40
CA ILE C 221 17.02 14.24 0.64
C ILE C 221 17.61 15.54 0.11
N TYR C 222 18.74 15.46 -0.57
CA TYR C 222 19.37 16.68 -1.09
C TYR C 222 18.81 17.21 -2.41
N SER C 223 18.11 16.38 -3.17
CA SER C 223 17.54 16.80 -4.45
C SER C 223 16.07 17.23 -4.36
N TYR C 224 15.48 17.14 -3.18
CA TYR C 224 14.07 17.51 -3.01
C TYR C 224 13.73 18.90 -3.56
N GLU C 225 14.39 19.92 -3.05
CA GLU C 225 14.16 21.29 -3.48
C GLU C 225 14.08 21.38 -4.99
N LYS C 226 15.16 20.96 -5.64
CA LYS C 226 15.28 20.97 -7.09
C LYS C 226 14.04 20.34 -7.74
N GLU C 227 13.81 19.06 -7.47
CA GLU C 227 12.66 18.36 -8.03
C GLU C 227 11.36 19.11 -7.76
N LEU C 228 11.28 19.77 -6.62
CA LEU C 228 10.10 20.53 -6.25
C LEU C 228 10.08 21.86 -6.99
N TYR C 229 9.42 21.88 -8.14
CA TYR C 229 9.31 23.09 -8.95
C TYR C 229 8.29 22.89 -10.06
N THR C 230 7.46 21.87 -9.91
CA THR C 230 6.43 21.55 -10.89
C THR C 230 5.07 21.47 -10.21
N LEU C 241 5.58 14.04 -6.99
CA LEU C 241 6.91 13.64 -7.41
C LEU C 241 7.36 12.37 -6.69
N CYS C 242 8.01 11.48 -7.43
CA CYS C 242 8.49 10.21 -6.92
C CYS C 242 9.77 10.34 -6.09
N THR C 243 9.62 10.67 -4.81
CA THR C 243 10.76 10.79 -3.92
C THR C 243 10.38 10.41 -2.50
N SER C 244 11.31 9.79 -1.78
CA SER C 244 11.04 9.37 -0.42
C SER C 244 10.71 10.53 0.50
N VAL C 245 11.17 11.74 0.16
CA VAL C 245 10.88 12.88 1.02
C VAL C 245 9.40 13.25 1.01
N GLN C 246 8.82 13.42 -0.17
CA GLN C 246 7.41 13.77 -0.24
C GLN C 246 6.56 12.62 0.29
N ILE C 247 6.95 11.40 -0.03
CA ILE C 247 6.20 10.22 0.42
C ILE C 247 6.10 10.11 1.94
N LEU C 248 7.24 10.11 2.63
CA LEU C 248 7.21 10.00 4.08
C LEU C 248 6.55 11.22 4.70
N ALA C 249 6.71 12.37 4.07
CA ALA C 249 6.12 13.58 4.60
C ALA C 249 4.59 13.47 4.59
N GLN C 250 4.05 12.84 3.56
CA GLN C 250 2.60 12.67 3.44
C GLN C 250 2.05 11.58 4.35
N GLU C 251 2.80 10.48 4.48
CA GLU C 251 2.35 9.36 5.31
C GLU C 251 2.47 9.63 6.81
N ALA C 252 3.50 10.36 7.19
CA ALA C 252 3.72 10.70 8.60
C ALA C 252 3.03 12.00 8.92
N ASP C 253 2.71 12.76 7.86
CA ASP C 253 2.05 14.05 8.00
C ASP C 253 2.96 15.04 8.72
N VAL C 254 4.15 15.25 8.14
CA VAL C 254 5.13 16.21 8.66
C VAL C 254 5.66 16.97 7.45
N THR C 255 6.43 18.01 7.72
CA THR C 255 7.02 18.81 6.64
C THR C 255 8.10 18.01 5.92
N ALA C 256 8.48 18.47 4.73
CA ALA C 256 9.52 17.79 3.96
C ALA C 256 10.81 17.78 4.75
N GLU C 257 11.08 18.88 5.46
CA GLU C 257 12.26 18.99 6.28
C GLU C 257 12.28 17.91 7.34
N ALA C 258 11.18 17.79 8.08
CA ALA C 258 11.10 16.79 9.13
C ALA C 258 11.32 15.42 8.49
N ALA C 259 10.74 15.21 7.32
CA ALA C 259 10.87 13.95 6.63
C ALA C 259 12.32 13.64 6.26
N LYS C 260 13.09 14.66 5.88
CA LYS C 260 14.49 14.43 5.53
C LYS C 260 15.26 13.93 6.74
N ARG C 261 15.05 14.58 7.88
CA ARG C 261 15.72 14.21 9.10
C ARG C 261 15.44 12.74 9.44
N VAL C 262 14.19 12.34 9.31
CA VAL C 262 13.81 10.95 9.59
C VAL C 262 14.48 10.00 8.62
N LEU C 263 14.38 10.31 7.33
CA LEU C 263 14.99 9.48 6.29
C LEU C 263 16.51 9.35 6.49
N PHE C 264 17.14 10.42 6.97
CA PHE C 264 18.59 10.38 7.19
C PHE C 264 18.90 9.35 8.27
N VAL C 265 18.20 9.42 9.40
CA VAL C 265 18.42 8.45 10.46
C VAL C 265 18.20 7.05 9.91
N MET C 266 17.23 6.92 9.02
CA MET C 266 16.92 5.63 8.40
C MET C 266 18.13 5.12 7.63
N CYS C 267 18.85 6.05 7.00
CA CYS C 267 20.04 5.69 6.23
C CYS C 267 21.13 5.14 7.16
N ARG C 268 21.20 5.69 8.37
CA ARG C 268 22.19 5.22 9.33
C ARG C 268 21.86 3.79 9.71
N GLU C 269 20.57 3.48 9.78
CA GLU C 269 20.14 2.12 10.11
C GLU C 269 20.55 1.18 8.99
N TRP C 270 20.43 1.65 7.75
CA TRP C 270 20.82 0.83 6.62
C TRP C 270 22.34 0.63 6.65
N GLU C 271 23.05 1.65 7.14
CA GLU C 271 24.50 1.57 7.24
C GLU C 271 24.88 0.50 8.26
N LEU C 272 24.20 0.52 9.41
CA LEU C 272 24.42 -0.46 10.48
C LEU C 272 24.03 -1.85 9.99
N ARG C 273 23.00 -1.90 9.15
CA ARG C 273 22.52 -3.17 8.61
C ARG C 273 23.55 -3.72 7.63
N HIS C 274 24.14 -2.83 6.83
CA HIS C 274 25.16 -3.23 5.86
C HIS C 274 26.28 -3.98 6.59
N GLN C 275 26.79 -3.36 7.65
CA GLN C 275 27.87 -3.97 8.43
C GLN C 275 27.47 -5.36 8.90
N LEU C 276 26.23 -5.49 9.36
CA LEU C 276 25.73 -6.78 9.83
C LEU C 276 25.65 -7.77 8.66
N LEU C 277 25.25 -7.28 7.49
CA LEU C 277 25.16 -8.15 6.33
C LEU C 277 26.56 -8.57 5.91
N VAL C 278 27.55 -7.79 6.33
CA VAL C 278 28.94 -8.07 6.00
C VAL C 278 29.51 -9.13 6.93
N ALA C 279 29.38 -8.90 8.23
CA ALA C 279 29.89 -9.83 9.22
C ALA C 279 29.18 -11.18 9.09
N ARG C 280 27.86 -11.14 8.99
CA ARG C 280 27.06 -12.34 8.86
C ARG C 280 27.55 -13.17 7.68
N LEU C 281 28.04 -12.49 6.65
CA LEU C 281 28.53 -13.15 5.45
C LEU C 281 29.76 -14.01 5.73
N SER C 282 30.57 -13.61 6.71
CA SER C 282 31.78 -14.35 7.05
C SER C 282 31.57 -15.38 8.16
N ALA C 283 30.66 -15.08 9.08
CA ALA C 283 30.37 -15.99 10.19
C ALA C 283 29.77 -17.31 9.72
N GLU C 284 28.87 -17.25 8.75
CA GLU C 284 28.24 -18.45 8.21
C GLU C 284 29.06 -18.98 7.04
N GLY C 285 30.34 -18.67 7.04
CA GLY C 285 31.23 -19.09 5.98
C GLY C 285 31.99 -17.91 5.43
N LEU C 286 33.15 -17.64 6.00
CA LEU C 286 34.01 -16.53 5.58
C LEU C 286 33.93 -16.33 4.07
N GLU C 287 34.10 -15.08 3.62
CA GLU C 287 34.01 -14.81 2.19
C GLU C 287 35.25 -14.33 1.46
N THR C 288 35.38 -14.86 0.24
CA THR C 288 36.49 -14.59 -0.66
C THR C 288 36.95 -13.13 -0.67
N PRO C 289 38.20 -12.89 -1.07
CA PRO C 289 38.77 -11.54 -1.13
C PRO C 289 37.95 -10.66 -2.07
N GLY C 290 37.39 -11.29 -3.11
CA GLY C 290 36.58 -10.56 -4.07
C GLY C 290 35.39 -9.89 -3.42
N LEU C 291 34.55 -10.70 -2.75
CA LEU C 291 33.38 -10.17 -2.07
C LEU C 291 33.80 -9.21 -0.97
N ALA C 292 34.77 -9.65 -0.18
CA ALA C 292 35.27 -8.83 0.93
C ALA C 292 35.66 -7.45 0.42
N ALA C 293 36.23 -7.40 -0.78
CA ALA C 293 36.65 -6.12 -1.37
C ALA C 293 35.45 -5.37 -1.93
N TYR C 294 34.58 -6.10 -2.62
CA TYR C 294 33.38 -5.51 -3.22
C TYR C 294 32.49 -4.87 -2.17
N VAL C 295 32.20 -5.62 -1.11
CA VAL C 295 31.34 -5.13 -0.04
C VAL C 295 31.89 -3.82 0.54
N GLU C 296 33.21 -3.66 0.49
CA GLU C 296 33.85 -2.45 0.99
C GLU C 296 33.66 -1.33 -0.03
N GLY C 297 33.78 -1.68 -1.31
CA GLY C 297 33.61 -0.70 -2.37
C GLY C 297 32.23 -0.08 -2.25
N LEU C 298 31.23 -0.92 -1.99
CA LEU C 298 29.85 -0.46 -1.85
C LEU C 298 29.75 0.55 -0.72
N GLU C 299 30.47 0.26 0.36
CA GLU C 299 30.46 1.12 1.53
C GLU C 299 30.96 2.53 1.17
N TYR C 300 31.96 2.60 0.28
CA TYR C 300 32.50 3.90 -0.12
C TYR C 300 31.55 4.67 -1.03
N GLN C 301 30.76 3.97 -1.84
CA GLN C 301 29.82 4.66 -2.72
C GLN C 301 28.81 5.39 -1.85
N MET C 302 28.36 4.72 -0.79
CA MET C 302 27.40 5.32 0.13
C MET C 302 27.90 6.63 0.72
N SER C 303 29.07 6.60 1.37
CA SER C 303 29.62 7.81 1.96
C SER C 303 30.00 8.78 0.84
N GLY C 304 30.45 8.24 -0.29
CA GLY C 304 30.82 9.09 -1.39
C GLY C 304 29.61 9.85 -1.89
N ASN C 305 28.54 9.10 -2.15
CA ASN C 305 27.29 9.68 -2.64
C ASN C 305 26.77 10.77 -1.70
N GLU C 306 26.92 10.55 -0.41
CA GLU C 306 26.45 11.53 0.56
C GLU C 306 27.19 12.84 0.39
N LEU C 307 28.51 12.78 0.31
CA LEU C 307 29.31 13.98 0.15
C LEU C 307 28.95 14.65 -1.18
N TRP C 308 28.79 13.85 -2.21
CA TRP C 308 28.42 14.39 -3.52
C TRP C 308 27.09 15.13 -3.42
N SER C 309 26.07 14.43 -2.93
CA SER C 309 24.72 14.99 -2.80
C SER C 309 24.70 16.33 -2.07
N GLN C 310 25.63 16.52 -1.14
CA GLN C 310 25.69 17.77 -0.37
C GLN C 310 26.42 18.87 -1.13
N THR C 311 27.07 18.51 -2.23
CA THR C 311 27.84 19.49 -2.97
C THR C 311 27.52 19.66 -4.46
N THR C 312 27.17 18.58 -5.14
CA THR C 312 26.86 18.65 -6.56
C THR C 312 25.87 19.79 -6.85
N LEU C 313 26.21 20.62 -7.83
CA LEU C 313 25.36 21.75 -8.22
C LEU C 313 24.09 21.26 -8.91
N ARG C 314 24.09 20.00 -9.31
CA ARG C 314 22.94 19.39 -9.97
C ARG C 314 21.68 19.55 -9.13
N TYR C 315 21.84 19.60 -7.81
CA TYR C 315 20.72 19.73 -6.89
C TYR C 315 20.52 21.16 -6.42
N SER C 316 21.22 22.09 -7.06
CA SER C 316 21.13 23.50 -6.71
C SER C 316 20.06 24.18 -7.57
N VAL C 317 19.54 25.30 -7.07
CA VAL C 317 18.52 26.05 -7.80
C VAL C 317 19.16 27.29 -8.42
N SER D 13 -18.49 -0.40 -22.92
CA SER D 13 -19.39 -1.59 -22.79
C SER D 13 -19.70 -1.86 -21.32
N LEU D 14 -20.86 -1.40 -20.87
CA LEU D 14 -21.25 -1.59 -19.47
C LEU D 14 -22.58 -2.30 -19.27
N GLU D 15 -22.52 -3.62 -19.22
CA GLU D 15 -23.70 -4.45 -18.99
C GLU D 15 -23.64 -4.91 -17.55
N PRO D 16 -24.43 -4.28 -16.67
CA PRO D 16 -24.42 -4.66 -15.26
C PRO D 16 -24.64 -6.15 -15.09
N PRO D 17 -23.82 -6.79 -14.25
CA PRO D 17 -23.97 -8.23 -14.02
C PRO D 17 -25.28 -8.48 -13.28
N PRO D 18 -25.69 -9.75 -13.17
CA PRO D 18 -26.94 -10.12 -12.48
C PRO D 18 -26.98 -9.69 -11.01
N SER D 19 -28.16 -9.30 -10.55
CA SER D 19 -28.36 -8.88 -9.17
C SER D 19 -29.70 -9.35 -8.64
N THR D 20 -29.71 -9.83 -7.40
CA THR D 20 -30.94 -10.29 -6.78
C THR D 20 -31.67 -9.14 -6.08
N PHE D 21 -30.98 -8.01 -5.95
CA PHE D 21 -31.56 -6.83 -5.33
C PHE D 21 -32.53 -6.18 -6.29
N GLN D 22 -33.79 -6.06 -5.89
CA GLN D 22 -34.80 -5.45 -6.74
C GLN D 22 -35.19 -4.09 -6.17
N PRO D 23 -34.94 -3.03 -6.92
CA PRO D 23 -35.25 -1.67 -6.51
C PRO D 23 -36.73 -1.37 -6.45
N LEU D 24 -37.13 -0.56 -5.47
CA LEU D 24 -38.53 -0.18 -5.30
C LEU D 24 -38.62 1.34 -5.43
N CYS D 25 -39.78 1.81 -5.85
CA CYS D 25 -40.02 3.23 -6.02
C CYS D 25 -41.23 3.62 -5.17
N HIS D 26 -41.16 4.77 -4.52
CA HIS D 26 -42.27 5.19 -3.68
C HIS D 26 -43.50 5.54 -4.53
N PRO D 27 -44.61 4.84 -4.30
CA PRO D 27 -45.86 5.06 -5.04
C PRO D 27 -46.29 6.51 -5.21
N LEU D 28 -45.91 7.35 -4.26
CA LEU D 28 -46.26 8.78 -4.28
C LEU D 28 -45.21 9.63 -4.99
N VAL D 29 -44.25 8.98 -5.64
CA VAL D 29 -43.19 9.70 -6.33
C VAL D 29 -43.72 10.78 -7.26
N GLU D 30 -44.58 10.38 -8.20
CA GLU D 30 -45.18 11.31 -9.15
C GLU D 30 -45.80 12.48 -8.40
N GLU D 31 -46.63 12.17 -7.41
CA GLU D 31 -47.31 13.18 -6.61
C GLU D 31 -46.33 14.14 -5.95
N VAL D 32 -45.41 13.59 -5.15
CA VAL D 32 -44.43 14.41 -4.44
C VAL D 32 -43.47 15.16 -5.37
N SER D 33 -43.02 14.51 -6.43
CA SER D 33 -42.09 15.15 -7.37
C SER D 33 -42.57 16.52 -7.81
N LYS D 34 -43.70 16.56 -8.52
CA LYS D 34 -44.26 17.82 -8.98
C LYS D 34 -44.45 18.76 -7.80
N GLU D 35 -44.93 18.20 -6.69
CA GLU D 35 -45.16 18.95 -5.48
C GLU D 35 -43.88 19.64 -4.99
N VAL D 36 -42.80 18.86 -4.92
CA VAL D 36 -41.51 19.37 -4.46
C VAL D 36 -40.82 20.26 -5.50
N ASP D 37 -40.70 19.76 -6.73
CA ASP D 37 -40.07 20.53 -7.79
C ASP D 37 -40.77 21.89 -7.93
N GLY D 38 -42.10 21.86 -7.98
CA GLY D 38 -42.86 23.07 -8.10
C GLY D 38 -42.53 24.10 -7.02
N TYR D 39 -41.89 23.64 -5.95
CA TYR D 39 -41.52 24.52 -4.85
C TYR D 39 -40.27 25.32 -5.20
N PHE D 40 -39.12 24.65 -5.20
CA PHE D 40 -37.85 25.31 -5.52
C PHE D 40 -37.97 26.13 -6.80
N LEU D 41 -38.75 25.63 -7.75
CA LEU D 41 -38.97 26.32 -9.01
C LEU D 41 -40.00 27.42 -8.77
N GLN D 42 -39.66 28.31 -7.84
CA GLN D 42 -40.52 29.43 -7.49
C GLN D 42 -39.76 30.30 -6.50
N HIS D 43 -39.02 29.65 -5.61
CA HIS D 43 -38.21 30.34 -4.60
C HIS D 43 -36.75 30.06 -4.91
N TRP D 44 -36.32 30.25 -6.16
CA TRP D 44 -34.94 30.00 -6.52
C TRP D 44 -34.62 30.50 -7.93
N LYS D 50 -30.71 31.05 -15.10
CA LYS D 50 -30.67 30.63 -16.50
C LYS D 50 -32.03 30.75 -17.18
N ALA D 51 -32.13 30.05 -18.31
CA ALA D 51 -33.36 29.96 -19.09
C ALA D 51 -33.71 28.50 -18.83
N ARG D 52 -32.69 27.74 -18.43
CA ARG D 52 -32.81 26.31 -18.12
C ARG D 52 -32.94 26.10 -16.60
N LYS D 53 -33.38 24.90 -16.22
CA LYS D 53 -33.56 24.49 -14.81
C LYS D 53 -33.85 23.02 -14.95
N LYS D 54 -34.09 22.64 -16.21
CA LYS D 54 -34.41 21.29 -16.64
C LYS D 54 -35.50 20.67 -15.78
N VAL D 56 -34.65 19.35 -12.90
CA VAL D 56 -35.76 18.42 -13.00
C VAL D 56 -35.33 17.10 -13.63
N ALA D 57 -34.86 17.17 -14.88
CA ALA D 57 -34.41 15.98 -15.59
C ALA D 57 -33.45 15.16 -14.74
N ALA D 58 -32.91 15.79 -13.70
CA ALA D 58 -31.99 15.11 -12.80
C ALA D 58 -32.72 14.01 -12.04
N GLY D 59 -33.96 14.30 -11.65
CA GLY D 59 -34.75 13.32 -10.92
C GLY D 59 -34.47 13.27 -9.43
N PHE D 60 -34.26 14.45 -8.84
CA PHE D 60 -33.97 14.54 -7.41
C PHE D 60 -35.03 13.83 -6.56
N SER D 61 -36.25 14.36 -6.54
CA SER D 61 -37.32 13.72 -5.77
C SER D 61 -37.47 12.27 -6.23
N ARG D 62 -37.00 11.99 -7.45
CA ARG D 62 -37.09 10.64 -7.99
C ARG D 62 -36.09 9.71 -7.32
N VAL D 63 -34.89 10.23 -7.02
CA VAL D 63 -33.86 9.43 -6.36
C VAL D 63 -34.29 9.15 -4.94
N THR D 64 -34.79 10.18 -4.29
CA THR D 64 -35.24 10.06 -2.91
C THR D 64 -36.24 8.91 -2.87
N CYS D 65 -37.17 8.91 -3.82
CA CYS D 65 -38.20 7.87 -3.88
C CYS D 65 -37.64 6.49 -4.20
N LEU D 66 -36.50 6.44 -4.89
CA LEU D 66 -35.87 5.15 -5.18
C LEU D 66 -35.10 4.72 -3.93
N TYR D 67 -34.54 5.69 -3.22
CA TYR D 67 -33.78 5.42 -1.99
C TYR D 67 -34.65 4.98 -0.81
N PHE D 68 -35.69 5.77 -0.52
CA PHE D 68 -36.58 5.45 0.59
C PHE D 68 -37.99 5.09 0.14
N PRO D 69 -38.11 4.04 -0.69
CA PRO D 69 -39.43 3.63 -1.17
C PRO D 69 -40.41 3.30 -0.05
N LYS D 70 -39.88 2.87 1.09
CA LYS D 70 -40.72 2.51 2.22
C LYS D 70 -40.92 3.67 3.18
N ALA D 71 -40.53 4.87 2.75
CA ALA D 71 -40.69 6.04 3.60
C ALA D 71 -42.17 6.25 3.92
N LEU D 72 -42.46 6.92 5.02
CA LEU D 72 -43.85 7.16 5.40
C LEU D 72 -44.44 8.18 4.43
N ASP D 73 -45.62 7.89 3.89
CA ASP D 73 -46.28 8.76 2.94
C ASP D 73 -46.27 10.24 3.31
N ASP D 74 -46.41 10.55 4.60
CA ASP D 74 -46.42 11.92 5.07
C ASP D 74 -45.06 12.51 5.42
N ARG D 75 -43.98 11.79 5.09
CA ARG D 75 -42.64 12.28 5.39
C ARG D 75 -41.76 12.24 4.14
N ILE D 76 -42.22 11.53 3.12
CA ILE D 76 -41.47 11.40 1.88
C ILE D 76 -41.06 12.73 1.25
N HIS D 77 -41.91 13.76 1.38
CA HIS D 77 -41.59 15.05 0.78
C HIS D 77 -40.46 15.75 1.51
N PHE D 78 -40.32 15.50 2.81
CA PHE D 78 -39.25 16.11 3.59
C PHE D 78 -37.90 15.70 3.01
N ALA D 79 -37.72 14.39 2.81
CA ALA D 79 -36.49 13.84 2.28
C ALA D 79 -36.16 14.39 0.90
N CYS D 80 -37.18 14.52 0.07
CA CYS D 80 -37.00 15.04 -1.28
C CYS D 80 -36.53 16.48 -1.23
N ARG D 81 -36.98 17.21 -0.23
CA ARG D 81 -36.60 18.61 -0.07
C ARG D 81 -35.17 18.74 0.43
N LEU D 82 -34.82 17.92 1.42
CA LEU D 82 -33.47 17.96 1.97
C LEU D 82 -32.45 17.57 0.91
N LEU D 83 -32.86 16.72 -0.02
CA LEU D 83 -31.94 16.30 -1.07
C LEU D 83 -31.98 17.28 -2.23
N THR D 84 -33.18 17.70 -2.62
CA THR D 84 -33.32 18.66 -3.72
C THR D 84 -32.51 19.92 -3.42
N VAL D 85 -32.22 20.17 -2.14
CA VAL D 85 -31.44 21.33 -1.75
C VAL D 85 -29.97 20.95 -1.63
N LEU D 86 -29.70 19.80 -1.02
CA LEU D 86 -28.33 19.34 -0.85
C LEU D 86 -27.70 18.98 -2.19
N PHE D 87 -28.53 18.62 -3.15
CA PHE D 87 -28.02 18.28 -4.47
C PHE D 87 -27.78 19.55 -5.28
N LEU D 88 -28.57 20.58 -5.01
CA LEU D 88 -28.39 21.85 -5.70
C LEU D 88 -27.19 22.58 -5.10
N ILE D 89 -26.56 22.00 -4.07
CA ILE D 89 -25.42 22.61 -3.36
C ILE D 89 -24.07 21.89 -3.51
N ASP D 90 -24.17 20.60 -3.46
CA ASP D 90 -23.01 19.74 -3.55
C ASP D 90 -22.22 20.13 -4.73
N ASP D 91 -22.93 20.33 -5.79
CA ASP D 91 -22.31 20.71 -7.00
C ASP D 91 -22.79 22.09 -7.37
N LEU D 92 -23.70 22.08 -8.26
CA LEU D 92 -24.29 23.31 -8.79
C LEU D 92 -23.70 24.62 -8.29
N LEU D 93 -24.29 25.20 -7.24
CA LEU D 93 -23.82 26.47 -6.71
C LEU D 93 -22.36 26.49 -6.27
N GLU D 94 -21.72 25.33 -6.26
CA GLU D 94 -20.34 25.23 -5.85
C GLU D 94 -19.47 24.61 -6.93
N PHE D 98 -16.07 29.74 -4.86
CA PHE D 98 -14.69 30.00 -4.48
C PHE D 98 -14.02 28.93 -3.58
N GLU D 99 -13.94 27.69 -4.11
CA GLU D 99 -13.35 26.52 -3.45
C GLU D 99 -13.00 26.54 -1.96
N GLU D 100 -13.77 27.31 -1.21
CA GLU D 100 -13.60 27.45 0.24
C GLU D 100 -14.72 28.37 0.62
N GLY D 101 -15.80 28.21 -0.13
CA GLY D 101 -17.01 28.98 0.11
C GLY D 101 -17.68 28.23 1.25
N SER D 102 -16.84 27.66 2.11
CA SER D 102 -17.30 26.93 3.29
C SER D 102 -18.19 27.85 4.11
N ALA D 103 -18.05 29.14 3.85
CA ALA D 103 -18.84 30.17 4.51
C ALA D 103 -20.28 30.12 4.05
N TYR D 104 -20.49 29.61 2.83
CA TYR D 104 -21.82 29.48 2.27
C TYR D 104 -22.57 28.44 3.08
N ASN D 105 -21.99 27.25 3.14
CA ASN D 105 -22.55 26.12 3.88
C ASN D 105 -22.63 26.40 5.37
N GLU D 106 -21.50 26.78 5.96
CA GLU D 106 -21.42 27.06 7.39
C GLU D 106 -22.42 28.13 7.82
N LYS D 107 -22.86 28.93 6.86
CA LYS D 107 -23.82 30.00 7.13
C LYS D 107 -25.24 29.47 7.03
N LEU D 108 -25.37 28.18 6.75
CA LEU D 108 -26.68 27.55 6.62
C LEU D 108 -26.90 26.51 7.72
N ILE D 109 -25.88 26.26 8.54
CA ILE D 109 -26.02 25.30 9.62
C ILE D 109 -26.82 25.90 10.79
N PRO D 110 -26.42 27.09 11.27
CA PRO D 110 -27.17 27.71 12.38
C PRO D 110 -28.64 27.90 12.02
N ILE D 111 -28.89 28.25 10.76
CA ILE D 111 -30.26 28.44 10.29
C ILE D 111 -31.00 27.12 10.37
N SER D 112 -30.32 26.06 9.96
CA SER D 112 -30.90 24.72 9.96
C SER D 112 -31.39 24.34 11.36
N ARG D 113 -30.61 24.72 12.37
CA ARG D 113 -30.96 24.44 13.76
C ARG D 113 -32.03 25.39 14.24
N GLY D 114 -32.18 26.51 13.54
CA GLY D 114 -33.17 27.50 13.89
C GLY D 114 -32.64 28.58 14.82
N ASP D 115 -31.33 28.60 15.04
CA ASP D 115 -30.74 29.61 15.92
C ASP D 115 -30.50 30.93 15.20
N VAL D 116 -30.85 30.97 13.92
CA VAL D 116 -30.68 32.18 13.11
C VAL D 116 -31.81 32.26 12.08
N LEU D 117 -32.32 33.47 11.88
CA LEU D 117 -33.41 33.69 10.94
C LEU D 117 -32.94 33.94 9.52
N PRO D 118 -33.69 33.43 8.53
CA PRO D 118 -33.38 33.57 7.10
C PRO D 118 -33.91 34.83 6.44
N ASP D 119 -33.10 35.42 5.57
CA ASP D 119 -33.49 36.61 4.84
C ASP D 119 -34.44 36.17 3.73
N ARG D 120 -35.71 36.58 3.82
CA ARG D 120 -36.70 36.22 2.82
C ARG D 120 -36.27 36.55 1.39
N SER D 121 -35.13 37.21 1.25
CA SER D 121 -34.61 37.58 -0.06
C SER D 121 -33.78 36.42 -0.64
N ILE D 122 -32.93 35.84 0.20
CA ILE D 122 -32.07 34.73 -0.22
C ILE D 122 -32.81 33.40 -0.08
N PRO D 123 -33.30 32.86 -1.20
CA PRO D 123 -34.02 31.59 -1.17
C PRO D 123 -33.32 30.49 -0.37
N VAL D 124 -32.09 30.15 -0.76
CA VAL D 124 -31.33 29.10 -0.07
C VAL D 124 -31.42 29.17 1.46
N GLU D 125 -31.76 30.33 1.99
CA GLU D 125 -31.86 30.49 3.43
C GLU D 125 -33.21 30.09 4.01
N TYR D 126 -34.26 30.83 3.66
CA TYR D 126 -35.58 30.48 4.20
C TYR D 126 -36.03 29.10 3.75
N ILE D 127 -35.39 28.57 2.70
CA ILE D 127 -35.73 27.24 2.21
C ILE D 127 -35.27 26.25 3.27
N ILE D 128 -34.06 26.46 3.78
CA ILE D 128 -33.49 25.60 4.81
C ILE D 128 -34.29 25.75 6.09
N TYR D 129 -34.47 27.00 6.52
CA TYR D 129 -35.20 27.31 7.74
C TYR D 129 -36.56 26.62 7.75
N ASP D 130 -37.45 27.06 6.87
CA ASP D 130 -38.80 26.50 6.78
C ASP D 130 -38.71 24.98 6.74
N LEU D 131 -37.87 24.47 5.86
CA LEU D 131 -37.68 23.04 5.70
C LEU D 131 -37.43 22.34 7.03
N TRP D 132 -36.47 22.83 7.81
CA TRP D 132 -36.19 22.21 9.10
C TRP D 132 -37.28 22.47 10.13
N GLU D 133 -37.84 23.68 10.10
CA GLU D 133 -38.91 24.03 11.04
C GLU D 133 -40.11 23.11 10.83
N SER D 134 -40.33 22.71 9.58
CA SER D 134 -41.45 21.83 9.27
C SER D 134 -41.14 20.42 9.71
N MET D 135 -39.85 20.07 9.71
CA MET D 135 -39.44 18.72 10.11
C MET D 135 -39.56 18.53 11.62
N ARG D 136 -39.24 19.55 12.40
CA ARG D 136 -39.37 19.43 13.84
C ARG D 136 -40.84 19.36 14.20
N ALA D 137 -41.64 20.20 13.54
CA ALA D 137 -43.08 20.27 13.78
C ALA D 137 -43.80 18.96 13.49
N HIS D 138 -43.16 18.08 12.72
CA HIS D 138 -43.76 16.79 12.40
C HIS D 138 -43.26 15.74 13.39
N ASP D 139 -42.04 15.94 13.86
CA ASP D 139 -41.38 15.04 14.81
C ASP D 139 -40.08 15.69 15.23
N ARG D 140 -40.07 16.37 16.37
CA ARG D 140 -38.88 17.04 16.86
C ARG D 140 -37.71 16.10 17.13
N GLU D 141 -37.92 15.11 17.99
CA GLU D 141 -36.89 14.15 18.35
C GLU D 141 -36.07 13.70 17.14
N MET D 142 -36.72 13.01 16.20
CA MET D 142 -36.04 12.51 15.00
C MET D 142 -35.53 13.62 14.09
N ALA D 143 -36.14 14.80 14.17
CA ALA D 143 -35.71 15.92 13.35
C ALA D 143 -34.37 16.44 13.85
N ASP D 144 -34.19 16.43 15.16
CA ASP D 144 -32.94 16.90 15.75
C ASP D 144 -31.81 15.90 15.49
N GLU D 145 -32.16 14.62 15.44
CA GLU D 145 -31.19 13.55 15.20
C GLU D 145 -30.50 13.64 13.85
N ILE D 146 -31.20 14.17 12.85
CA ILE D 146 -30.63 14.29 11.51
C ILE D 146 -29.71 15.49 11.38
N LEU D 147 -29.86 16.44 12.29
CA LEU D 147 -29.04 17.65 12.28
C LEU D 147 -27.56 17.34 12.08
N GLU D 148 -26.95 16.74 13.10
CA GLU D 148 -25.53 16.40 13.05
C GLU D 148 -25.14 15.64 11.79
N PRO D 149 -25.83 14.51 11.51
CA PRO D 149 -25.51 13.73 10.30
C PRO D 149 -25.49 14.61 9.06
N VAL D 150 -26.40 15.57 9.00
CA VAL D 150 -26.47 16.47 7.86
C VAL D 150 -25.31 17.47 7.86
N PHE D 151 -25.06 18.09 9.00
CA PHE D 151 -23.98 19.06 9.10
C PHE D 151 -22.66 18.38 8.76
N LEU D 152 -22.49 17.17 9.27
CA LEU D 152 -21.26 16.41 9.02
C LEU D 152 -21.06 16.20 7.53
N PHE D 153 -22.16 16.02 6.80
CA PHE D 153 -22.09 15.82 5.35
C PHE D 153 -21.69 17.16 4.75
N MET D 154 -22.46 18.19 5.05
CA MET D 154 -22.20 19.54 4.55
C MET D 154 -20.78 20.00 4.89
N ARG D 155 -20.36 19.71 6.13
CA ARG D 155 -19.03 20.07 6.59
C ARG D 155 -17.99 19.26 5.81
N ALA D 156 -18.40 18.09 5.34
CA ALA D 156 -17.52 17.21 4.58
C ALA D 156 -17.39 17.65 3.13
N GLN D 157 -16.17 17.55 2.62
CA GLN D 157 -15.87 17.90 1.22
C GLN D 157 -16.32 19.29 0.80
N THR D 158 -15.32 20.13 0.65
CA THR D 158 -15.38 21.49 0.20
C THR D 158 -13.92 21.76 -0.11
N ASP D 159 -13.20 20.63 -0.10
CA ASP D 159 -11.75 20.37 -0.33
C ASP D 159 -10.89 20.39 0.97
N ARG D 160 -10.56 19.16 1.41
CA ARG D 160 -9.74 18.84 2.59
C ARG D 160 -9.42 17.36 2.50
N THR D 161 -8.57 16.95 1.57
CA THR D 161 -8.47 15.52 1.43
C THR D 161 -7.17 15.01 0.99
N ARG D 162 -6.65 14.13 1.77
CA ARG D 162 -5.40 13.60 1.37
C ARG D 162 -4.23 14.39 1.98
N ARG D 164 -3.48 11.65 0.95
CA ARG D 164 -2.12 11.17 0.90
C ARG D 164 -2.12 9.97 -0.06
N PRO D 165 -1.08 9.12 -0.10
CA PRO D 165 -1.18 7.97 -1.01
C PRO D 165 -2.36 7.02 -0.69
N MET D 166 -3.28 6.89 -1.66
CA MET D 166 -4.49 6.05 -1.51
C MET D 166 -4.61 4.84 -2.46
N GLY D 167 -4.48 3.64 -1.91
CA GLY D 167 -4.62 2.43 -2.71
C GLY D 167 -6.06 1.94 -2.67
N LEU D 168 -6.35 0.81 -3.33
CA LEU D 168 -7.70 0.27 -3.37
C LEU D 168 -8.28 0.00 -1.98
N GLY D 169 -7.54 -0.78 -1.19
CA GLY D 169 -7.99 -1.11 0.15
C GLY D 169 -8.18 0.11 1.03
N GLY D 170 -7.32 1.12 0.84
CA GLY D 170 -7.43 2.33 1.63
C GLY D 170 -8.67 3.11 1.23
N TYR D 171 -8.93 3.15 -0.07
CA TYR D 171 -10.07 3.87 -0.58
C TYR D 171 -11.40 3.24 -0.16
N LEU D 172 -11.49 1.91 -0.28
CA LEU D 172 -12.71 1.22 0.11
C LEU D 172 -12.92 1.35 1.62
N GLU D 173 -11.82 1.28 2.37
CA GLU D 173 -11.94 1.41 3.83
C GLU D 173 -12.40 2.82 4.12
N TYR D 174 -11.89 3.78 3.35
CA TYR D 174 -12.25 5.18 3.50
C TYR D 174 -13.74 5.34 3.23
N ARG D 175 -14.24 4.67 2.20
CA ARG D 175 -15.65 4.75 1.85
C ARG D 175 -16.58 3.96 2.76
N GLU D 176 -16.04 3.04 3.55
CA GLU D 176 -16.85 2.28 4.48
C GLU D 176 -17.41 3.26 5.50
N ARG D 177 -16.73 4.40 5.63
CA ARG D 177 -17.11 5.44 6.58
C ARG D 177 -17.48 6.73 5.86
N ASP D 178 -18.15 6.62 4.72
CA ASP D 178 -18.55 7.80 3.97
C ASP D 178 -19.68 8.53 4.70
N VAL D 179 -19.66 9.86 4.67
CA VAL D 179 -20.68 10.64 5.36
C VAL D 179 -22.03 10.65 4.65
N GLY D 180 -22.01 10.90 3.34
CA GLY D 180 -23.25 10.91 2.59
C GLY D 180 -23.97 9.60 2.83
N LYS D 181 -23.23 8.51 2.76
CA LYS D 181 -23.77 7.18 2.97
C LYS D 181 -24.36 7.09 4.38
N GLU D 182 -23.82 7.90 5.28
CA GLU D 182 -24.27 7.97 6.67
C GLU D 182 -25.49 8.88 6.75
N LEU D 183 -25.55 9.86 5.85
CA LEU D 183 -26.66 10.79 5.79
C LEU D 183 -27.93 10.09 5.32
N LEU D 184 -27.77 9.12 4.43
CA LEU D 184 -28.91 8.37 3.90
C LEU D 184 -29.57 7.52 4.96
N ALA D 185 -28.78 6.77 5.73
CA ALA D 185 -29.33 5.92 6.78
C ALA D 185 -30.03 6.78 7.82
N ALA D 186 -29.47 7.97 8.05
CA ALA D 186 -30.05 8.89 9.02
C ALA D 186 -31.38 9.37 8.47
N LEU D 187 -31.34 9.91 7.26
CA LEU D 187 -32.54 10.43 6.62
C LEU D 187 -33.58 9.31 6.46
N MET D 188 -33.12 8.10 6.16
CA MET D 188 -34.02 6.96 5.98
C MET D 188 -34.79 6.61 7.26
N ARG D 189 -34.10 6.59 8.39
CA ARG D 189 -34.76 6.27 9.65
C ARG D 189 -35.87 7.29 9.95
N PHE D 190 -35.60 8.55 9.62
CA PHE D 190 -36.56 9.62 9.83
C PHE D 190 -37.76 9.48 8.89
N SER D 191 -37.49 9.10 7.64
CA SER D 191 -38.53 8.93 6.63
C SER D 191 -39.49 7.79 6.94
N MET D 192 -38.96 6.70 7.49
CA MET D 192 -39.79 5.54 7.83
C MET D 192 -40.24 5.59 9.28
N GLY D 193 -39.85 6.63 10.00
CA GLY D 193 -40.21 6.73 11.40
C GLY D 193 -39.61 5.62 12.22
N LEU D 194 -38.44 5.14 11.78
CA LEU D 194 -37.74 4.05 12.46
C LEU D 194 -36.90 4.54 13.64
N LYS D 195 -37.27 4.12 14.85
CA LYS D 195 -36.53 4.50 16.05
C LYS D 195 -35.52 3.39 16.38
N LEU D 196 -34.24 3.73 16.31
CA LEU D 196 -33.18 2.77 16.60
C LEU D 196 -32.20 3.28 17.65
N SER D 197 -31.89 2.42 18.62
CA SER D 197 -30.96 2.77 19.70
C SER D 197 -29.54 2.41 19.26
N PRO D 198 -28.54 3.13 19.81
CA PRO D 198 -27.14 2.86 19.47
C PRO D 198 -26.78 1.41 19.73
N SER D 199 -27.55 0.76 20.61
CA SER D 199 -27.32 -0.64 20.95
C SER D 199 -27.67 -1.52 19.76
N GLU D 200 -28.64 -1.08 18.97
CA GLU D 200 -29.08 -1.82 17.79
C GLU D 200 -28.23 -1.42 16.59
N LEU D 201 -27.95 -0.13 16.46
CA LEU D 201 -27.15 0.35 15.35
C LEU D 201 -25.77 -0.29 15.40
N GLN D 202 -25.23 -0.40 16.61
CA GLN D 202 -23.91 -1.00 16.81
C GLN D 202 -23.89 -2.43 16.27
N ARG D 203 -25.03 -3.10 16.35
CA ARG D 203 -25.13 -4.47 15.87
C ARG D 203 -25.02 -4.56 14.36
N VAL D 204 -25.29 -3.47 13.66
CA VAL D 204 -25.22 -3.49 12.20
C VAL D 204 -24.09 -2.68 11.57
N ARG D 205 -22.99 -2.52 12.30
CA ARG D 205 -21.86 -1.77 11.78
C ARG D 205 -21.28 -2.41 10.50
N GLU D 206 -21.05 -3.72 10.53
CA GLU D 206 -20.50 -4.40 9.36
C GLU D 206 -21.40 -4.19 8.15
N ILE D 207 -22.69 -4.41 8.34
CA ILE D 207 -23.65 -4.25 7.25
C ILE D 207 -23.61 -2.82 6.71
N ASP D 208 -23.44 -1.83 7.58
CA ASP D 208 -23.38 -0.43 7.14
C ASP D 208 -22.12 -0.16 6.32
N ALA D 209 -20.98 -0.63 6.82
CA ALA D 209 -19.71 -0.43 6.12
C ALA D 209 -19.85 -1.02 4.72
N ASN D 210 -20.27 -2.27 4.64
CA ASN D 210 -20.46 -2.97 3.38
C ASN D 210 -21.37 -2.15 2.45
N CYS D 211 -22.56 -1.80 2.94
CA CYS D 211 -23.51 -1.02 2.17
C CYS D 211 -22.91 0.29 1.67
N SER D 212 -22.21 0.98 2.55
CA SER D 212 -21.59 2.25 2.18
C SER D 212 -20.63 2.08 1.01
N LYS D 213 -19.91 0.95 0.96
CA LYS D 213 -18.98 0.67 -0.12
C LYS D 213 -19.73 0.51 -1.44
N HIS D 214 -20.79 -0.30 -1.40
CA HIS D 214 -21.59 -0.56 -2.58
C HIS D 214 -22.12 0.75 -3.18
N LEU D 215 -22.68 1.61 -2.35
CA LEU D 215 -23.19 2.89 -2.84
C LEU D 215 -22.10 3.74 -3.49
N SER D 216 -20.95 3.82 -2.83
CA SER D 216 -19.85 4.62 -3.33
C SER D 216 -19.22 4.09 -4.61
N VAL D 217 -19.04 2.78 -4.73
CA VAL D 217 -18.43 2.23 -5.94
C VAL D 217 -19.37 2.29 -7.12
N VAL D 218 -20.66 2.05 -6.89
CA VAL D 218 -21.63 2.13 -7.99
C VAL D 218 -21.59 3.57 -8.48
N ASN D 219 -21.64 4.49 -7.50
CA ASN D 219 -21.60 5.92 -7.78
C ASN D 219 -20.37 6.21 -8.61
N ASP D 220 -19.20 5.77 -8.14
CA ASP D 220 -17.95 5.99 -8.87
C ASP D 220 -18.00 5.45 -10.30
N ILE D 221 -18.62 4.29 -10.48
CA ILE D 221 -18.71 3.67 -11.81
C ILE D 221 -19.42 4.55 -12.84
N TYR D 222 -20.57 5.10 -12.47
CA TYR D 222 -21.36 5.93 -13.41
C TYR D 222 -21.01 7.40 -13.43
N SER D 223 -20.38 7.90 -12.37
CA SER D 223 -20.01 9.30 -12.31
C SER D 223 -18.57 9.52 -12.72
N TYR D 224 -17.91 8.48 -13.23
CA TYR D 224 -16.53 8.63 -13.63
C TYR D 224 -16.39 9.72 -14.68
N GLU D 225 -17.22 9.67 -15.70
CA GLU D 225 -17.19 10.65 -16.77
C GLU D 225 -17.45 12.06 -16.26
N LYS D 226 -18.50 12.23 -15.47
CA LYS D 226 -18.85 13.54 -14.94
C LYS D 226 -17.76 14.11 -14.03
N GLU D 227 -17.33 13.32 -13.06
CA GLU D 227 -16.29 13.77 -12.13
C GLU D 227 -14.98 14.03 -12.84
N LEU D 228 -14.78 13.36 -13.97
CA LEU D 228 -13.56 13.55 -14.75
C LEU D 228 -13.71 14.78 -15.61
N TYR D 229 -14.95 15.15 -15.89
CA TYR D 229 -15.30 16.30 -16.71
C TYR D 229 -14.30 16.51 -17.85
N LEU D 241 -8.15 12.65 -9.31
CA LEU D 241 -9.34 12.66 -8.46
C LEU D 241 -9.45 11.38 -7.66
N CYS D 242 -10.25 11.42 -6.60
CA CYS D 242 -10.42 10.25 -5.73
C CYS D 242 -11.63 9.41 -6.16
N THR D 243 -11.35 8.27 -6.76
CA THR D 243 -12.39 7.34 -7.22
C THR D 243 -11.84 5.94 -7.45
N SER D 244 -12.60 4.95 -7.04
CA SER D 244 -12.19 3.56 -7.22
C SER D 244 -11.90 3.21 -8.68
N VAL D 245 -12.57 3.91 -9.60
CA VAL D 245 -12.38 3.64 -11.02
C VAL D 245 -10.96 3.95 -11.49
N GLN D 246 -10.43 5.09 -11.07
CA GLN D 246 -9.08 5.48 -11.45
C GLN D 246 -8.06 4.57 -10.77
N ILE D 247 -8.26 4.32 -9.48
CA ILE D 247 -7.36 3.49 -8.70
C ILE D 247 -7.26 2.07 -9.24
N LEU D 248 -8.39 1.38 -9.40
CA LEU D 248 -8.35 0.03 -9.92
C LEU D 248 -7.72 0.01 -11.30
N ALA D 249 -8.04 1.01 -12.12
CA ALA D 249 -7.47 1.07 -13.46
C ALA D 249 -5.95 1.10 -13.40
N GLN D 250 -5.39 1.84 -12.44
CA GLN D 250 -3.95 1.96 -12.30
C GLN D 250 -3.32 0.72 -11.69
N GLU D 251 -3.91 0.20 -10.62
CA GLU D 251 -3.37 -0.98 -9.95
C GLU D 251 -3.45 -2.26 -10.79
N ALA D 252 -4.47 -2.36 -11.64
CA ALA D 252 -4.64 -3.53 -12.49
C ALA D 252 -4.11 -3.22 -13.88
N ASP D 253 -3.83 -1.94 -14.11
CA ASP D 253 -3.32 -1.47 -15.38
C ASP D 253 -4.24 -1.81 -16.56
N VAL D 254 -5.50 -1.41 -16.42
CA VAL D 254 -6.49 -1.61 -17.48
C VAL D 254 -7.19 -0.27 -17.66
N THR D 255 -8.05 -0.16 -18.67
CA THR D 255 -8.76 1.08 -18.92
C THR D 255 -9.83 1.33 -17.86
N ALA D 256 -10.34 2.56 -17.83
CA ALA D 256 -11.36 2.96 -16.89
C ALA D 256 -12.61 2.10 -17.06
N GLU D 257 -13.04 1.92 -18.30
CA GLU D 257 -14.21 1.11 -18.59
C GLU D 257 -14.01 -0.32 -18.09
N ALA D 258 -12.82 -0.87 -18.33
CA ALA D 258 -12.51 -2.22 -17.87
C ALA D 258 -12.65 -2.27 -16.35
N ALA D 259 -12.12 -1.25 -15.68
CA ALA D 259 -12.16 -1.17 -14.24
C ALA D 259 -13.61 -1.13 -13.74
N LYS D 260 -14.45 -0.40 -14.46
CA LYS D 260 -15.87 -0.28 -14.11
C LYS D 260 -16.53 -1.65 -14.05
N ARG D 261 -16.23 -2.50 -15.03
CA ARG D 261 -16.80 -3.84 -15.09
C ARG D 261 -16.32 -4.71 -13.91
N VAL D 262 -15.05 -4.59 -13.56
CA VAL D 262 -14.52 -5.38 -12.45
C VAL D 262 -15.18 -4.89 -11.18
N LEU D 263 -15.25 -3.57 -11.03
CA LEU D 263 -15.86 -2.97 -9.85
C LEU D 263 -17.33 -3.37 -9.70
N PHE D 264 -18.00 -3.57 -10.83
CA PHE D 264 -19.41 -3.97 -10.79
C PHE D 264 -19.52 -5.38 -10.21
N VAL D 265 -18.68 -6.30 -10.67
CA VAL D 265 -18.72 -7.66 -10.13
C VAL D 265 -18.46 -7.60 -8.62
N MET D 266 -17.54 -6.72 -8.20
CA MET D 266 -17.24 -6.59 -6.78
C MET D 266 -18.48 -6.11 -6.02
N CYS D 267 -19.31 -5.29 -6.65
CA CYS D 267 -20.53 -4.80 -5.99
C CYS D 267 -21.50 -5.96 -5.77
N ARG D 268 -21.54 -6.88 -6.72
CA ARG D 268 -22.44 -8.02 -6.61
C ARG D 268 -21.97 -8.91 -5.46
N GLU D 269 -20.67 -8.91 -5.18
CA GLU D 269 -20.16 -9.74 -4.09
C GLU D 269 -20.55 -9.14 -2.75
N TRP D 270 -20.56 -7.82 -2.67
CA TRP D 270 -20.94 -7.14 -1.45
C TRP D 270 -22.43 -7.32 -1.21
N GLU D 271 -23.19 -7.44 -2.29
CA GLU D 271 -24.63 -7.65 -2.22
C GLU D 271 -24.84 -9.02 -1.59
N LEU D 272 -24.01 -9.98 -1.99
CA LEU D 272 -24.08 -11.32 -1.45
C LEU D 272 -23.70 -11.28 0.02
N ARG D 273 -22.65 -10.53 0.33
CA ARG D 273 -22.18 -10.41 1.70
C ARG D 273 -23.27 -9.80 2.58
N HIS D 274 -23.97 -8.81 2.05
CA HIS D 274 -25.05 -8.16 2.78
C HIS D 274 -26.07 -9.20 3.22
N GLN D 275 -26.47 -10.05 2.29
CA GLN D 275 -27.45 -11.09 2.57
C GLN D 275 -26.91 -12.05 3.64
N LEU D 276 -25.62 -12.37 3.54
CA LEU D 276 -24.98 -13.26 4.50
C LEU D 276 -24.94 -12.61 5.88
N LEU D 277 -24.65 -11.31 5.90
CA LEU D 277 -24.58 -10.58 7.17
C LEU D 277 -25.97 -10.51 7.80
N VAL D 278 -26.99 -10.32 6.97
CA VAL D 278 -28.36 -10.24 7.45
C VAL D 278 -28.75 -11.61 7.99
N ALA D 279 -28.31 -12.66 7.28
CA ALA D 279 -28.60 -14.02 7.69
C ALA D 279 -28.00 -14.24 9.07
N ARG D 280 -26.77 -13.78 9.25
CA ARG D 280 -26.08 -13.94 10.52
C ARG D 280 -26.76 -13.17 11.63
N LEU D 281 -27.10 -11.91 11.37
CA LEU D 281 -27.76 -11.08 12.38
C LEU D 281 -28.98 -11.81 12.93
N SER D 282 -29.72 -12.44 12.03
CA SER D 282 -30.94 -13.18 12.37
C SER D 282 -30.62 -14.41 13.23
N ALA D 283 -29.70 -15.23 12.76
CA ALA D 283 -29.30 -16.45 13.47
C ALA D 283 -28.64 -16.18 14.82
N GLU D 284 -27.86 -15.10 14.90
CA GLU D 284 -27.19 -14.76 16.14
C GLU D 284 -28.20 -14.23 17.15
N GLY D 285 -29.48 -14.32 16.80
CA GLY D 285 -30.54 -13.86 17.67
C GLY D 285 -30.51 -12.38 17.99
N LEU D 286 -29.76 -11.62 17.20
CA LEU D 286 -29.64 -10.18 17.42
C LEU D 286 -30.61 -9.35 16.58
N GLU D 287 -31.40 -10.01 15.76
CA GLU D 287 -32.35 -9.30 14.90
C GLU D 287 -33.59 -8.84 15.65
N THR D 288 -33.95 -7.58 15.44
CA THR D 288 -35.13 -7.01 16.07
C THR D 288 -35.96 -6.40 14.96
N PRO D 289 -37.28 -6.37 15.11
CA PRO D 289 -38.15 -5.81 14.07
C PRO D 289 -37.58 -4.55 13.44
N GLY D 290 -37.25 -3.57 14.28
CA GLY D 290 -36.70 -2.31 13.78
C GLY D 290 -35.45 -2.52 12.92
N LEU D 291 -34.62 -3.46 13.33
CA LEU D 291 -33.38 -3.76 12.62
C LEU D 291 -33.68 -4.50 11.32
N ALA D 292 -34.68 -5.39 11.35
CA ALA D 292 -35.08 -6.15 10.17
C ALA D 292 -35.52 -5.20 9.07
N ALA D 293 -36.20 -4.12 9.46
CA ALA D 293 -36.68 -3.13 8.51
C ALA D 293 -35.50 -2.28 8.04
N TYR D 294 -34.61 -1.96 8.97
CA TYR D 294 -33.45 -1.14 8.65
C TYR D 294 -32.56 -1.76 7.57
N VAL D 295 -32.16 -3.01 7.76
CA VAL D 295 -31.33 -3.68 6.78
C VAL D 295 -32.00 -3.70 5.41
N GLU D 296 -33.20 -4.26 5.33
CA GLU D 296 -33.96 -4.32 4.08
C GLU D 296 -33.98 -2.94 3.41
N GLY D 297 -34.07 -1.89 4.20
CA GLY D 297 -34.08 -0.55 3.65
C GLY D 297 -32.73 -0.21 3.04
N LEU D 298 -31.66 -0.70 3.65
CA LEU D 298 -30.32 -0.44 3.14
C LEU D 298 -30.21 -1.10 1.77
N GLU D 299 -30.83 -2.27 1.63
CA GLU D 299 -30.80 -2.98 0.37
C GLU D 299 -31.45 -2.10 -0.70
N TYR D 300 -32.53 -1.42 -0.32
CA TYR D 300 -33.25 -0.56 -1.26
C TYR D 300 -32.38 0.58 -1.77
N GLN D 301 -31.58 1.16 -0.88
CA GLN D 301 -30.70 2.26 -1.26
C GLN D 301 -29.67 1.80 -2.29
N MET D 302 -29.18 0.58 -2.16
CA MET D 302 -28.19 0.07 -3.09
C MET D 302 -28.81 -0.17 -4.47
N SER D 303 -29.88 -0.95 -4.51
CA SER D 303 -30.56 -1.24 -5.77
C SER D 303 -31.07 0.05 -6.39
N GLY D 304 -31.62 0.93 -5.56
CA GLY D 304 -32.14 2.19 -6.05
C GLY D 304 -31.06 3.10 -6.57
N ASN D 305 -29.93 3.13 -5.85
CA ASN D 305 -28.81 3.96 -6.23
C ASN D 305 -28.31 3.57 -7.62
N GLU D 306 -28.36 2.27 -7.92
CA GLU D 306 -27.90 1.77 -9.21
C GLU D 306 -28.84 2.20 -10.33
N LEU D 307 -30.11 1.83 -10.22
CA LEU D 307 -31.10 2.19 -11.24
C LEU D 307 -30.96 3.67 -11.55
N TRP D 308 -30.90 4.48 -10.50
CA TRP D 308 -30.79 5.91 -10.68
C TRP D 308 -29.53 6.29 -11.44
N SER D 309 -28.38 5.90 -10.91
CA SER D 309 -27.10 6.23 -11.52
C SER D 309 -27.06 5.92 -13.02
N GLN D 310 -27.79 4.89 -13.43
CA GLN D 310 -27.83 4.51 -14.84
C GLN D 310 -28.66 5.52 -15.63
N THR D 311 -29.86 5.81 -15.14
CA THR D 311 -30.79 6.73 -15.81
C THR D 311 -30.47 8.22 -15.65
N THR D 312 -30.25 8.67 -14.41
CA THR D 312 -29.96 10.08 -14.16
C THR D 312 -29.06 10.70 -15.21
N LEU D 313 -29.56 11.78 -15.81
CA LEU D 313 -28.83 12.49 -16.85
C LEU D 313 -27.84 13.43 -16.16
N ARG D 314 -27.62 13.21 -14.88
CA ARG D 314 -26.70 14.02 -14.10
C ARG D 314 -25.28 13.64 -14.54
N TYR D 315 -25.13 12.38 -14.96
CA TYR D 315 -23.84 11.87 -15.41
C TYR D 315 -23.86 11.71 -16.93
N SER D 316 -24.85 12.35 -17.57
CA SER D 316 -25.03 12.31 -19.02
C SER D 316 -25.10 10.90 -19.57
N VAL D 317 -26.30 10.31 -19.52
CA VAL D 317 -26.49 8.94 -20.01
C VAL D 317 -26.32 8.83 -21.52
CL CL E . -6.29 -1.67 -22.93
PA FDF F . 3.77 -22.27 -8.80
PB FDF F . 6.29 -22.02 -8.15
C1 FDF F . 3.69 -22.68 -11.19
O1 FDF F . 3.89 -23.32 -9.86
O1A FDF F . 3.73 -20.81 -9.35
O1B FDF F . 6.18 -21.52 -9.60
C2 FDF F . 3.84 -23.55 -12.41
O2A FDF F . 2.33 -22.56 -8.12
O2B FDF F . 6.92 -20.79 -7.31
C3 FDF F . 3.32 -23.18 -13.62
O3A FDF F . 4.79 -22.53 -7.60
O3B FDF F . 7.29 -23.31 -7.98
C4 FDF F . 2.50 -21.89 -13.78
C5 FDF F . 3.55 -24.04 -14.84
C6 FDF F . 4.40 -23.22 -15.85
C7 FDF F . 5.80 -23.80 -15.88
C8 FDF F . 6.90 -23.06 -15.74
C9 FDF F . 8.21 -23.77 -15.79
C10 FDF F . 6.86 -21.53 -15.52
C11 FDF F . 8.89 -23.60 -14.43
C12 FDF F . 9.00 -24.94 -13.74
C13 FDF F . 8.50 -25.16 -12.48
C14 FDF F . 8.69 -26.41 -11.92
C15 FDF F . 7.83 -24.13 -11.76
F1 FDF F . 6.56 -24.18 -11.32
F2 FDF F . 9.04 -26.45 -10.67
C1 BME G . 5.81 11.06 40.96
C2 BME G . 5.17 11.43 39.64
O1 BME G . 5.74 12.19 41.83
S2 BME G . 5.22 10.05 38.48
PA FDF H . -5.50 -0.64 24.99
PB FDF H . -3.85 -2.52 24.32
C1 FDF H . -6.31 -0.26 27.26
O1 FDF H . -6.80 -0.52 25.95
O1A FDF H . -5.62 0.34 23.88
O1B FDF H . -3.09 -1.39 23.72
C2 FDF H . -7.12 0.85 27.88
O2A FDF H . -4.17 -0.32 25.84
O2B FDF H . -3.30 -2.78 25.81
C3 FDF H . -7.91 0.59 28.89
O3A FDF H . -5.41 -2.12 24.38
O3B FDF H . -3.65 -3.83 23.43
C4 FDF H . -8.06 -0.82 29.39
C5 FDF H . -8.67 1.71 29.56
C6 FDF H . -8.47 3.01 28.76
C7 FDF H . -7.43 3.87 29.45
C8 FDF H . -6.49 4.43 28.75
C9 FDF H . -5.42 5.23 29.43
C10 FDF H . -6.47 4.29 27.24
C11 FDF H . -4.04 4.73 28.99
C12 FDF H . -4.15 3.31 28.52
C13 FDF H . -3.46 2.90 27.49
C14 FDF H . -3.62 1.48 27.05
C15 FDF H . -2.52 3.85 26.79
F1 FDF H . -2.62 5.16 26.82
F2 FDF H . -2.95 1.28 25.87
PA FDF I . 19.56 10.94 -12.01
PB FDF I . 19.25 13.05 -10.45
C1 FDF I . 21.66 10.96 -10.70
O1 FDF I . 21.05 10.54 -11.97
O1A FDF I . 19.24 11.93 -13.13
O1B FDF I . 19.82 13.64 -11.75
C2 FDF I . 23.13 10.60 -10.53
O2A FDF I . 18.68 9.58 -12.30
O2B FDF I . 17.81 13.74 -10.23
C3 FDF I . 23.56 9.96 -9.40
O3A FDF I . 19.06 11.42 -10.57
O3B FDF I . 20.20 13.38 -9.16
C4 FDF I . 22.59 9.56 -8.28
C5 FDF I . 25.03 9.64 -9.23
C6 FDF I . 25.36 8.28 -9.86
C7 FDF I . 25.67 8.46 -11.34
C8 FDF I . 25.51 7.46 -12.23
C9 FDF I . 25.83 7.69 -13.69
C10 FDF I . 25.02 6.07 -11.79
C11 FDF I . 25.44 9.11 -14.16
C12 FDF I . 24.23 8.99 -14.98
C13 FDF I . 23.53 10.01 -15.43
C14 FDF I . 22.46 9.72 -16.09
C15 FDF I . 23.88 11.28 -15.17
F1 FDF I . 23.00 11.83 -14.35
F2 FDF I . 22.02 8.62 -15.64
C1 GOL J . 27.45 17.01 -11.80
O1 GOL J . 28.08 17.22 -10.52
C2 GOL J . 26.26 17.94 -11.92
O2 GOL J . 26.66 19.31 -11.68
C3 GOL J . 25.62 17.77 -13.31
O3 GOL J . 24.53 18.69 -13.45
MG MG K . -19.24 10.30 -7.98
MG MG L . -20.54 15.84 -5.56
C1 BME M . -39.30 7.37 -10.56
C2 BME M . -38.69 6.34 -9.63
O1 BME M . -39.18 6.92 -11.91
S2 BME M . -38.80 6.89 -7.91
P1 POP N . -20.44 12.07 -5.26
O1 POP N . -19.25 11.70 -6.16
O2 POP N . -20.43 13.60 -5.00
O3 POP N . -20.34 11.29 -3.86
O POP N . -21.82 11.67 -6.00
P2 POP N . -21.90 12.55 -7.35
O4 POP N . -21.02 11.88 -8.43
O5 POP N . -21.37 13.97 -7.06
O6 POP N . -23.42 12.63 -7.86
#